data_3TCL
#
_entry.id   3TCL
#
_cell.length_a   73.363
_cell.length_b   74.227
_cell.length_c   183.568
_cell.angle_alpha   90.00
_cell.angle_beta   90.00
_cell.angle_gamma   90.00
#
_symmetry.space_group_name_H-M   'P 21 21 21'
#
loop_
_entity.id
_entity.type
_entity.pdbx_description
1 polymer 'CH04 Heavy Chain Fab'
2 polymer 'CH04 Light Chain Fab'
3 non-polymer IMIDAZOLE
4 water water
#
loop_
_entity_poly.entity_id
_entity_poly.type
_entity_poly.pdbx_seq_one_letter_code
_entity_poly.pdbx_strand_id
1 'polypeptide(L)'
;EVQLVESGGGLIRPGGSLRLSCKGSGFIFENFGFGWVRQGPGKGLEWVSGTNWNGGDSRYGDSVKGRFTISRDNSNNFVY
LQMNSLRPEDTAIYYCARGTDYTIDDQGIRYQGSGTFWYFDVWGRGTLVTVSSASTKGPSVFPLAPSSKSTSGGTAALGC
LVKDYFPEPVTVSWNSGALTSGVHTFPAVLQSSGLYSLSSVVTVPSSSLGTQTYICNVNHKPSNTKVDKKVEPKSCD
;
H,A
2 'polypeptide(L)'
;EIVLTQSPDTLSLSPGERATLSCRASQSVHSRYFAWYQHKPGQPPRLLIYGGSTRATGIPNRFSAGGSGTQFTLTVNRLE
AEDFAVYYCQQYGRSPYTFGQGTKVEIRRTVAAPSVFIFPPSDEQLKSGTASVVCLLNNFYPREAKVQWKVDNALQSGNS
QESVTEQDSKDSTYSLSSTLTLSKADYEKHKVYACEVTHQGLSSPVTKSFNRGEC
;
L,B
#
# COMPACT_ATOMS: atom_id res chain seq x y z
N GLU A 1 -38.45 -39.14 -12.57
CA GLU A 1 -39.34 -39.74 -11.52
C GLU A 1 -38.83 -39.50 -10.09
N VAL A 2 -37.57 -39.82 -9.80
CA VAL A 2 -37.02 -39.59 -8.46
C VAL A 2 -36.93 -38.10 -8.18
N GLN A 3 -37.58 -37.62 -7.12
CA GLN A 3 -37.47 -36.20 -6.84
C GLN A 3 -37.72 -35.82 -5.39
N LEU A 4 -37.15 -34.67 -4.99
CA LEU A 4 -37.35 -34.16 -3.64
C LEU A 4 -37.82 -32.75 -3.77
N VAL A 5 -39.02 -32.43 -3.30
CA VAL A 5 -39.46 -31.04 -3.44
C VAL A 5 -39.62 -30.35 -2.09
N GLU A 6 -38.85 -29.29 -1.88
CA GLU A 6 -38.94 -28.50 -0.66
C GLU A 6 -39.97 -27.40 -0.74
N SER A 7 -40.44 -27.00 0.44
CA SER A 7 -41.35 -25.88 0.59
C SER A 7 -41.29 -25.37 2.02
N GLY A 8 -41.84 -24.17 2.25
CA GLY A 8 -41.79 -23.56 3.56
C GLY A 8 -40.80 -22.42 3.74
N GLY A 9 -40.17 -21.98 2.65
CA GLY A 9 -39.14 -20.93 2.74
C GLY A 9 -39.72 -19.59 3.15
N GLY A 10 -38.90 -18.55 3.30
CA GLY A 10 -39.44 -17.22 3.47
C GLY A 10 -38.71 -16.30 4.44
N LEU A 11 -39.24 -15.10 4.58
CA LEU A 11 -38.70 -14.12 5.49
C LEU A 11 -39.33 -14.25 6.91
N ILE A 12 -38.50 -14.32 7.93
CA ILE A 12 -38.94 -14.45 9.31
C ILE A 12 -38.09 -13.47 10.14
N ARG A 13 -38.63 -12.91 11.21
CA ARG A 13 -37.83 -12.01 12.02
C ARG A 13 -37.04 -12.83 13.03
N PRO A 14 -35.92 -12.28 13.52
CA PRO A 14 -35.13 -12.97 14.53
C PRO A 14 -36.00 -13.41 15.72
N GLY A 15 -35.72 -14.59 16.27
CA GLY A 15 -36.54 -15.13 17.34
C GLY A 15 -37.75 -15.91 16.84
N GLY A 16 -38.06 -15.78 15.55
CA GLY A 16 -39.21 -16.44 14.96
C GLY A 16 -38.95 -17.92 14.70
N SER A 17 -39.96 -18.57 14.12
CA SER A 17 -39.90 -19.98 13.82
C SER A 17 -40.30 -20.16 12.39
N LEU A 18 -39.89 -21.29 11.83
CA LEU A 18 -40.21 -21.63 10.48
C LEU A 18 -40.08 -23.13 10.32
N ARG A 19 -40.91 -23.68 9.44
CA ARG A 19 -40.93 -25.12 9.26
C ARG A 19 -40.69 -25.47 7.80
N LEU A 20 -39.72 -26.33 7.55
CA LEU A 20 -39.43 -26.68 6.16
C LEU A 20 -39.94 -28.09 5.92
N SER A 21 -40.42 -28.34 4.71
CA SER A 21 -40.99 -29.63 4.32
C SER A 21 -40.31 -30.10 3.07
N CYS A 22 -40.15 -31.41 2.94
CA CYS A 22 -39.55 -32.00 1.75
C CYS A 22 -40.39 -33.24 1.37
N LYS A 23 -40.95 -33.26 0.17
CA LYS A 23 -41.78 -34.40 -0.25
C LYS A 23 -40.97 -35.30 -1.17
N GLY A 24 -40.87 -36.57 -0.84
CA GLY A 24 -40.09 -37.47 -1.67
C GLY A 24 -40.98 -38.26 -2.61
N SER A 25 -40.51 -38.50 -3.83
CA SER A 25 -41.22 -39.41 -4.74
C SER A 25 -40.29 -40.16 -5.68
N GLY A 26 -40.80 -41.28 -6.19
CA GLY A 26 -40.11 -42.06 -7.20
C GLY A 26 -39.11 -43.02 -6.62
N PHE A 27 -39.17 -43.24 -5.31
CA PHE A 27 -38.26 -44.19 -4.65
C PHE A 27 -38.85 -44.69 -3.35
N ILE A 28 -38.22 -45.69 -2.75
CA ILE A 28 -38.82 -46.31 -1.58
C ILE A 28 -38.38 -45.51 -0.38
N PHE A 29 -39.21 -44.52 -0.01
CA PHE A 29 -38.86 -43.48 0.96
C PHE A 29 -38.46 -44.07 2.29
N GLU A 30 -39.24 -45.04 2.78
CA GLU A 30 -38.96 -45.66 4.06
C GLU A 30 -37.54 -46.22 4.22
N ASN A 31 -36.86 -46.59 3.13
CA ASN A 31 -35.53 -47.23 3.26
C ASN A 31 -34.37 -46.28 3.51
N PHE A 32 -34.60 -44.98 3.30
CA PHE A 32 -33.49 -44.02 3.21
C PHE A 32 -33.43 -43.12 4.44
N GLY A 33 -32.20 -42.75 4.84
CA GLY A 33 -32.00 -41.62 5.74
C GLY A 33 -32.25 -40.34 4.98
N PHE A 34 -32.38 -39.22 5.69
CA PHE A 34 -32.50 -37.89 5.05
C PHE A 34 -31.75 -36.85 5.84
N GLY A 35 -31.37 -35.77 5.19
CA GLY A 35 -30.71 -34.70 5.92
C GLY A 35 -31.06 -33.36 5.31
N TRP A 36 -30.65 -32.31 6.02
CA TRP A 36 -30.70 -30.94 5.55
C TRP A 36 -29.30 -30.37 5.52
N VAL A 37 -29.01 -29.62 4.45
CA VAL A 37 -27.70 -28.95 4.28
C VAL A 37 -28.01 -27.49 3.93
N ARG A 38 -27.22 -26.54 4.42
CA ARG A 38 -27.49 -25.16 3.99
C ARG A 38 -26.24 -24.47 3.42
N GLN A 39 -26.49 -23.39 2.70
CA GLN A 39 -25.46 -22.56 2.15
C GLN A 39 -25.84 -21.08 2.35
N GLY A 40 -25.11 -20.39 3.20
CA GLY A 40 -25.39 -18.98 3.43
C GLY A 40 -24.82 -18.17 2.29
N PRO A 41 -25.21 -16.90 2.18
CA PRO A 41 -24.75 -16.01 1.13
C PRO A 41 -23.21 -15.97 1.06
N GLY A 42 -22.66 -16.26 -0.11
CA GLY A 42 -21.22 -16.22 -0.27
C GLY A 42 -20.47 -17.26 0.56
N LYS A 43 -21.20 -18.18 1.20
CA LYS A 43 -20.56 -19.22 2.00
C LYS A 43 -20.63 -20.59 1.35
N GLY A 44 -20.01 -21.57 1.99
CA GLY A 44 -20.02 -22.92 1.47
C GLY A 44 -21.10 -23.79 2.10
N LEU A 45 -21.07 -25.05 1.76
CA LEU A 45 -22.05 -25.98 2.29
C LEU A 45 -21.85 -26.22 3.80
N GLU A 46 -22.96 -26.33 4.54
CA GLU A 46 -22.89 -26.63 5.96
C GLU A 46 -23.91 -27.69 6.32
N TRP A 47 -23.44 -28.73 6.99
CA TRP A 47 -24.32 -29.83 7.38
C TRP A 47 -25.18 -29.40 8.57
N VAL A 48 -26.51 -29.51 8.43
CA VAL A 48 -27.47 -29.03 9.44
C VAL A 48 -28.04 -30.14 10.30
N SER A 49 -28.53 -31.21 9.68
CA SER A 49 -29.23 -32.26 10.42
CA SER A 49 -29.17 -32.28 10.43
C SER A 49 -29.40 -33.51 9.58
N GLY A 50 -29.63 -34.65 10.23
CA GLY A 50 -29.86 -35.89 9.50
C GLY A 50 -30.64 -36.82 10.42
N THR A 51 -31.44 -37.71 9.83
CA THR A 51 -32.10 -38.73 10.64
C THR A 51 -32.10 -40.01 9.78
N ASN A 52 -32.16 -41.16 10.44
CA ASN A 52 -32.03 -42.42 9.72
C ASN A 52 -33.42 -42.85 9.30
N TRP A 53 -33.49 -44.05 8.74
CA TRP A 53 -34.68 -44.51 8.03
C TRP A 53 -35.93 -44.48 8.95
N ASN A 54 -35.80 -44.88 10.22
CA ASN A 54 -36.98 -44.94 11.04
C ASN A 54 -36.98 -43.81 12.07
N GLY A 55 -36.10 -42.84 11.86
CA GLY A 55 -36.07 -41.64 12.69
C GLY A 55 -35.57 -41.88 14.10
N GLY A 56 -35.04 -43.06 14.37
CA GLY A 56 -34.53 -43.36 15.71
C GLY A 56 -33.24 -42.61 16.04
N ASP A 57 -32.41 -42.39 15.02
CA ASP A 57 -31.11 -41.69 15.18
C ASP A 57 -31.20 -40.34 14.46
N SER A 58 -31.18 -39.25 15.21
CA SER A 58 -31.22 -37.93 14.57
C SER A 58 -30.07 -37.11 15.16
N ARG A 59 -29.39 -36.32 14.31
CA ARG A 59 -28.24 -35.52 14.77
C ARG A 59 -28.17 -34.16 14.10
N TYR A 60 -27.38 -33.27 14.69
CA TYR A 60 -27.43 -31.83 14.38
C TYR A 60 -26.06 -31.19 14.24
N GLY A 61 -25.94 -30.22 13.34
CA GLY A 61 -24.79 -29.34 13.36
C GLY A 61 -24.71 -28.59 14.69
N ASP A 62 -23.49 -28.31 15.14
CA ASP A 62 -23.23 -27.59 16.39
C ASP A 62 -23.98 -26.25 16.50
N SER A 63 -24.03 -25.52 15.39
CA SER A 63 -24.62 -24.17 15.42
C SER A 63 -26.17 -24.19 15.51
N VAL A 64 -26.79 -25.35 15.31
CA VAL A 64 -28.24 -25.39 15.31
C VAL A 64 -28.80 -26.34 16.37
N LYS A 65 -27.92 -27.01 17.11
CA LYS A 65 -28.35 -27.98 18.11
C LYS A 65 -29.26 -27.26 19.12
N GLY A 66 -30.39 -27.88 19.44
CA GLY A 66 -31.34 -27.25 20.34
C GLY A 66 -32.47 -26.57 19.59
N ARG A 67 -32.11 -25.71 18.64
CA ARG A 67 -33.11 -24.84 18.01
C ARG A 67 -33.85 -25.52 16.87
N PHE A 68 -33.17 -26.45 16.21
CA PHE A 68 -33.69 -27.12 15.01
C PHE A 68 -34.09 -28.55 15.36
N THR A 69 -35.19 -29.04 14.80
CA THR A 69 -35.58 -30.47 14.97
C THR A 69 -35.93 -31.06 13.64
N ILE A 70 -35.33 -32.19 13.30
CA ILE A 70 -35.71 -32.92 12.09
C ILE A 70 -36.73 -33.99 12.44
N SER A 71 -37.71 -34.21 11.56
CA SER A 71 -38.65 -35.32 11.75
C SER A 71 -39.01 -35.91 10.40
N ARG A 72 -39.68 -37.06 10.41
CA ARG A 72 -40.17 -37.63 9.18
C ARG A 72 -41.55 -38.32 9.36
N ASP A 73 -42.27 -38.39 8.25
CA ASP A 73 -43.53 -39.10 8.17
C ASP A 73 -43.43 -40.11 7.04
N ASN A 74 -43.00 -41.33 7.36
CA ASN A 74 -42.85 -42.36 6.35
C ASN A 74 -44.15 -42.75 5.62
N SER A 75 -45.30 -42.44 6.22
CA SER A 75 -46.58 -42.69 5.58
C SER A 75 -46.86 -41.78 4.38
N ASN A 76 -46.59 -40.49 4.52
CA ASN A 76 -46.84 -39.58 3.41
C ASN A 76 -45.55 -39.08 2.75
N ASN A 77 -44.44 -39.75 3.01
CA ASN A 77 -43.15 -39.38 2.38
C ASN A 77 -42.71 -37.93 2.59
N PHE A 78 -42.86 -37.39 3.79
CA PHE A 78 -42.28 -36.08 4.10
C PHE A 78 -41.16 -36.19 5.12
N VAL A 79 -40.16 -35.32 4.96
CA VAL A 79 -39.22 -35.02 6.03
C VAL A 79 -39.39 -33.54 6.35
N TYR A 80 -39.18 -33.17 7.61
CA TYR A 80 -39.41 -31.79 8.03
C TYR A 80 -38.20 -31.25 8.73
N LEU A 81 -38.09 -29.92 8.76
CA LEU A 81 -37.10 -29.30 9.61
C LEU A 81 -37.82 -28.21 10.37
N GLN A 82 -37.93 -28.38 11.69
CA GLN A 82 -38.55 -27.32 12.51
C GLN A 82 -37.43 -26.39 12.97
N MET A 83 -37.48 -25.13 12.57
CA MET A 83 -36.42 -24.22 12.98
C MET A 83 -36.93 -23.14 13.89
N ASN A 84 -36.48 -23.16 15.15
CA ASN A 84 -36.94 -22.17 16.14
C ASN A 84 -35.84 -21.21 16.55
N SER A 85 -36.24 -20.12 17.19
CA SER A 85 -35.30 -19.11 17.67
C SER A 85 -34.28 -18.74 16.60
N LEU A 86 -34.80 -18.41 15.43
CA LEU A 86 -34.00 -18.06 14.29
C LEU A 86 -33.13 -16.81 14.50
N ARG A 87 -31.92 -16.85 13.92
CA ARG A 87 -30.93 -15.75 13.97
C ARG A 87 -30.56 -15.28 12.57
N PRO A 88 -30.09 -14.04 12.44
CA PRO A 88 -29.54 -13.53 11.17
C PRO A 88 -28.57 -14.50 10.49
N GLU A 89 -27.70 -15.14 11.28
CA GLU A 89 -26.74 -16.10 10.74
C GLU A 89 -27.39 -17.34 10.13
N ASP A 90 -28.67 -17.61 10.42
CA ASP A 90 -29.36 -18.76 9.85
C ASP A 90 -29.83 -18.51 8.39
N THR A 91 -29.65 -17.27 7.93
CA THR A 91 -30.03 -16.92 6.57
C THR A 91 -29.25 -17.78 5.57
N ALA A 92 -29.95 -18.48 4.68
CA ALA A 92 -29.28 -19.40 3.77
C ALA A 92 -30.25 -20.08 2.83
N ILE A 93 -29.73 -20.70 1.78
CA ILE A 93 -30.50 -21.65 1.02
C ILE A 93 -30.46 -22.97 1.77
N TYR A 94 -31.63 -23.54 2.02
CA TYR A 94 -31.72 -24.82 2.73
C TYR A 94 -32.05 -25.93 1.72
N TYR A 95 -31.27 -27.01 1.74
CA TYR A 95 -31.50 -28.16 0.86
C TYR A 95 -31.90 -29.36 1.67
N CYS A 96 -32.98 -29.99 1.20
CA CYS A 96 -33.40 -31.30 1.68
C CYS A 96 -32.56 -32.29 0.90
N ALA A 97 -32.12 -33.38 1.51
CA ALA A 97 -31.32 -34.31 0.75
C ALA A 97 -31.49 -35.76 1.18
N ARG A 98 -31.54 -36.67 0.21
CA ARG A 98 -31.66 -38.10 0.47
C ARG A 98 -30.37 -38.75 0.90
N GLY A 99 -30.41 -39.51 1.99
CA GLY A 99 -29.28 -40.23 2.55
C GLY A 99 -29.09 -41.62 1.94
N THR A 100 -28.48 -42.56 2.67
CA THR A 100 -28.20 -43.89 2.10
C THR A 100 -29.40 -44.81 2.34
N ASP A 101 -29.42 -45.98 1.69
CA ASP A 101 -30.42 -47.00 2.03
C ASP A 101 -29.74 -48.21 2.70
N TYR A 102 -28.62 -47.99 3.39
CA TYR A 102 -28.04 -49.04 4.21
C TYR A 102 -27.26 -48.44 5.33
N THR A 103 -26.79 -49.30 6.21
CA THR A 103 -25.91 -48.86 7.25
C THR A 103 -25.07 -50.03 7.63
N ILE A 104 -24.14 -49.80 8.54
CA ILE A 104 -23.12 -50.77 8.87
C ILE A 104 -22.96 -50.72 10.36
N ASP A 105 -22.91 -51.85 11.02
CA ASP A 105 -22.79 -51.80 12.47
C ASP A 105 -21.32 -51.80 12.91
N ASP A 106 -21.07 -51.64 14.21
CA ASP A 106 -19.70 -51.63 14.76
C ASP A 106 -18.92 -52.88 14.45
N GLN A 107 -19.64 -53.93 14.05
CA GLN A 107 -19.05 -55.22 13.80
C GLN A 107 -18.73 -55.36 12.33
N GLY A 108 -19.04 -54.31 11.57
CA GLY A 108 -18.78 -54.29 10.16
C GLY A 108 -19.84 -54.99 9.33
N ILE A 109 -20.96 -55.38 9.96
CA ILE A 109 -22.03 -56.04 9.22
C ILE A 109 -22.88 -54.97 8.50
N ARG A 110 -23.14 -55.17 7.22
CA ARG A 110 -23.90 -54.19 6.45
C ARG A 110 -25.41 -54.55 6.45
N TYR A 111 -26.28 -53.57 6.71
CA TYR A 111 -27.73 -53.82 6.78
C TYR A 111 -28.45 -53.17 5.59
N GLN A 112 -28.84 -53.97 4.60
CA GLN A 112 -29.51 -53.42 3.41
C GLN A 112 -30.89 -52.90 3.79
N GLY A 113 -31.24 -51.70 3.36
CA GLY A 113 -32.58 -51.19 3.64
C GLY A 113 -32.67 -50.30 4.87
N SER A 114 -31.67 -50.32 5.72
CA SER A 114 -31.71 -49.51 6.96
C SER A 114 -30.90 -48.24 6.78
N GLY A 115 -31.46 -47.30 6.03
CA GLY A 115 -30.69 -46.17 5.57
C GLY A 115 -30.32 -45.16 6.67
N THR A 116 -29.26 -44.40 6.42
CA THR A 116 -28.87 -43.36 7.36
C THR A 116 -28.30 -42.15 6.58
N PHE A 117 -27.57 -41.28 7.26
CA PHE A 117 -27.44 -39.92 6.74
C PHE A 117 -25.98 -39.54 6.55
N TRP A 118 -25.19 -40.54 6.18
CA TRP A 118 -23.74 -40.34 6.06
C TRP A 118 -23.34 -39.36 4.96
N TYR A 119 -24.03 -39.46 3.82
CA TYR A 119 -23.77 -38.63 2.64
C TYR A 119 -25.07 -38.61 1.82
N PHE A 120 -25.12 -37.74 0.81
CA PHE A 120 -26.40 -37.44 0.18
C PHE A 120 -26.33 -37.60 -1.34
N ASP A 121 -27.10 -38.55 -1.93
CA ASP A 121 -26.98 -38.81 -3.38
C ASP A 121 -28.08 -38.12 -4.22
N VAL A 122 -29.12 -37.58 -3.58
CA VAL A 122 -30.20 -36.88 -4.29
C VAL A 122 -30.57 -35.60 -3.52
N TRP A 123 -30.58 -34.46 -4.21
CA TRP A 123 -30.73 -33.16 -3.54
C TRP A 123 -31.95 -32.38 -4.07
N GLY A 124 -32.70 -31.75 -3.17
CA GLY A 124 -33.73 -30.80 -3.58
C GLY A 124 -33.11 -29.56 -4.22
N ARG A 125 -33.92 -28.73 -4.89
CA ARG A 125 -33.42 -27.52 -5.52
C ARG A 125 -33.13 -26.44 -4.47
N GLY A 126 -33.66 -26.66 -3.27
CA GLY A 126 -33.40 -25.83 -2.10
C GLY A 126 -34.42 -24.70 -1.94
N THR A 127 -34.65 -24.28 -0.71
CA THR A 127 -35.57 -23.16 -0.46
C THR A 127 -34.85 -22.10 0.37
N LEU A 128 -35.11 -20.84 0.05
CA LEU A 128 -34.42 -19.71 0.70
C LEU A 128 -35.09 -19.34 2.03
N VAL A 129 -34.28 -19.16 3.07
CA VAL A 129 -34.77 -18.65 4.36
C VAL A 129 -34.02 -17.38 4.64
N THR A 130 -34.75 -16.29 4.91
CA THR A 130 -34.12 -15.03 5.30
C THR A 130 -34.60 -14.60 6.70
N VAL A 131 -33.63 -14.38 7.58
CA VAL A 131 -33.88 -13.95 8.95
C VAL A 131 -33.34 -12.53 9.12
N SER A 132 -34.23 -11.57 9.25
CA SER A 132 -33.81 -10.19 9.39
C SER A 132 -34.89 -9.37 10.07
N SER A 133 -34.46 -8.29 10.71
CA SER A 133 -35.40 -7.36 11.31
C SER A 133 -35.64 -6.16 10.39
N ALA A 134 -35.22 -6.25 9.14
CA ALA A 134 -35.30 -5.12 8.23
C ALA A 134 -36.72 -5.01 7.72
N SER A 135 -37.19 -3.78 7.52
CA SER A 135 -38.50 -3.54 6.97
C SER A 135 -38.46 -3.51 5.45
N THR A 136 -39.45 -4.17 4.85
CA THR A 136 -39.66 -4.13 3.42
C THR A 136 -39.58 -2.70 2.85
N LYS A 137 -38.66 -2.49 1.89
CA LYS A 137 -38.39 -1.17 1.34
C LYS A 137 -38.01 -1.24 -0.14
N GLY A 138 -38.52 -0.30 -0.93
CA GLY A 138 -38.17 -0.19 -2.34
C GLY A 138 -36.86 0.57 -2.57
N PRO A 139 -36.16 0.27 -3.68
CA PRO A 139 -34.86 0.88 -3.97
C PRO A 139 -34.89 2.35 -4.42
N SER A 140 -33.79 3.05 -4.13
CA SER A 140 -33.46 4.30 -4.80
C SER A 140 -32.67 3.91 -6.03
N VAL A 141 -33.03 4.42 -7.20
CA VAL A 141 -32.25 4.14 -8.38
C VAL A 141 -31.53 5.40 -8.81
N PHE A 142 -30.20 5.31 -8.85
CA PHE A 142 -29.36 6.41 -9.23
C PHE A 142 -28.59 6.09 -10.52
N PRO A 143 -28.53 7.05 -11.46
CA PRO A 143 -27.75 6.85 -12.68
C PRO A 143 -26.25 6.79 -12.42
N LEU A 144 -25.54 5.96 -13.18
CA LEU A 144 -24.07 5.95 -13.22
C LEU A 144 -23.69 6.52 -14.57
N ALA A 145 -23.23 7.77 -14.60
CA ALA A 145 -23.13 8.52 -15.85
C ALA A 145 -21.77 8.38 -16.56
N PRO A 146 -21.82 8.16 -17.88
CA PRO A 146 -20.60 8.14 -18.69
C PRO A 146 -20.03 9.55 -18.82
N THR A 151 -13.57 6.55 -21.90
CA THR A 151 -13.55 5.38 -22.78
C THR A 151 -12.41 4.40 -22.44
N SER A 152 -12.70 3.11 -22.52
CA SER A 152 -11.73 2.08 -22.15
C SER A 152 -12.07 0.79 -22.90
N GLY A 153 -11.08 0.13 -23.48
CA GLY A 153 -11.35 -1.05 -24.29
C GLY A 153 -12.24 -0.71 -25.47
N GLY A 154 -12.33 0.58 -25.78
CA GLY A 154 -12.95 1.05 -27.00
C GLY A 154 -14.35 1.60 -26.85
N THR A 155 -14.94 1.51 -25.65
CA THR A 155 -16.35 1.85 -25.46
C THR A 155 -16.58 2.80 -24.28
N ALA A 156 -17.82 3.23 -24.13
CA ALA A 156 -18.24 3.93 -22.92
C ALA A 156 -18.94 2.91 -22.01
N ALA A 157 -19.20 3.30 -20.76
CA ALA A 157 -20.01 2.46 -19.87
C ALA A 157 -20.93 3.33 -19.00
N LEU A 158 -22.10 2.79 -18.71
CA LEU A 158 -23.10 3.47 -17.89
C LEU A 158 -23.87 2.42 -17.11
N GLY A 159 -24.73 2.87 -16.19
CA GLY A 159 -25.46 1.93 -15.38
C GLY A 159 -26.41 2.58 -14.40
N CYS A 160 -26.98 1.74 -13.55
CA CYS A 160 -27.88 2.20 -12.50
C CYS A 160 -27.44 1.59 -11.19
N LEU A 161 -27.42 2.43 -10.15
CA LEU A 161 -27.12 1.97 -8.83
C LEU A 161 -28.47 1.86 -8.13
N VAL A 162 -28.79 0.62 -7.77
CA VAL A 162 -30.04 0.28 -7.15
C VAL A 162 -29.68 0.07 -5.69
N LYS A 163 -30.08 1.01 -4.84
CA LYS A 163 -29.57 1.06 -3.48
C LYS A 163 -30.67 0.97 -2.41
N ASP A 164 -30.35 0.34 -1.29
CA ASP A 164 -31.19 0.30 -0.09
C ASP A 164 -32.58 -0.32 -0.25
N TYR A 165 -32.67 -1.52 -0.81
CA TYR A 165 -33.97 -2.20 -0.84
C TYR A 165 -33.96 -3.42 0.07
N PHE A 166 -35.16 -3.89 0.38
CA PHE A 166 -35.37 -5.08 1.17
C PHE A 166 -36.81 -5.52 0.95
N PRO A 167 -37.03 -6.82 0.74
CA PRO A 167 -35.96 -7.80 0.59
C PRO A 167 -35.52 -7.91 -0.86
N GLU A 168 -34.64 -8.86 -1.11
CA GLU A 168 -34.34 -9.28 -2.46
C GLU A 168 -35.57 -10.01 -2.95
N PRO A 169 -35.74 -10.12 -4.27
CA PRO A 169 -34.75 -9.59 -5.20
C PRO A 169 -35.25 -8.33 -5.91
N VAL A 170 -34.41 -7.77 -6.76
CA VAL A 170 -34.86 -6.75 -7.71
C VAL A 170 -34.62 -7.36 -9.08
N THR A 171 -35.18 -6.75 -10.12
CA THR A 171 -34.78 -7.10 -11.48
C THR A 171 -34.44 -5.82 -12.27
N VAL A 172 -33.48 -5.92 -13.17
CA VAL A 172 -33.10 -4.75 -13.95
C VAL A 172 -33.22 -5.05 -15.44
N SER A 173 -33.75 -4.09 -16.21
CA SER A 173 -33.67 -4.15 -17.66
C SER A 173 -33.19 -2.80 -18.22
N TRP A 174 -32.82 -2.79 -19.49
CA TRP A 174 -32.34 -1.59 -20.15
C TRP A 174 -33.10 -1.22 -21.41
N ASN A 175 -33.45 0.06 -21.52
CA ASN A 175 -34.26 0.53 -22.64
C ASN A 175 -35.47 -0.36 -22.89
N SER A 176 -36.18 -0.68 -21.80
CA SER A 176 -37.41 -1.47 -21.83
C SER A 176 -37.16 -2.99 -21.83
N GLY A 177 -35.99 -3.42 -22.27
CA GLY A 177 -35.67 -4.84 -22.26
C GLY A 177 -35.15 -5.43 -23.58
N ALA A 178 -34.96 -4.59 -24.58
CA ALA A 178 -34.44 -5.07 -25.85
C ALA A 178 -32.93 -5.20 -25.79
N LEU A 179 -32.32 -4.58 -24.78
CA LEU A 179 -30.86 -4.53 -24.70
C LEU A 179 -30.29 -5.51 -23.67
N THR A 180 -29.73 -6.62 -24.17
CA THR A 180 -29.09 -7.61 -23.31
C THR A 180 -27.57 -7.65 -23.56
N SER A 181 -27.15 -7.35 -24.78
CA SER A 181 -25.73 -7.44 -25.11
C SER A 181 -24.90 -6.50 -24.24
N GLY A 182 -24.00 -7.08 -23.45
CA GLY A 182 -22.99 -6.29 -22.76
C GLY A 182 -23.47 -5.76 -21.41
N VAL A 183 -24.63 -6.23 -20.98
CA VAL A 183 -25.18 -5.85 -19.68
C VAL A 183 -24.67 -6.77 -18.58
N HIS A 184 -24.07 -6.20 -17.52
CA HIS A 184 -23.81 -6.99 -16.32
C HIS A 184 -24.57 -6.42 -15.13
N THR A 185 -25.42 -7.24 -14.50
CA THR A 185 -26.00 -6.87 -13.21
C THR A 185 -25.31 -7.67 -12.10
N PHE A 186 -24.74 -6.96 -11.14
CA PHE A 186 -23.94 -7.57 -10.10
C PHE A 186 -24.77 -8.21 -9.02
N PRO A 187 -24.18 -9.18 -8.33
CA PRO A 187 -24.73 -9.80 -7.14
C PRO A 187 -24.95 -8.73 -6.07
N ALA A 188 -26.09 -8.82 -5.36
CA ALA A 188 -26.43 -7.84 -4.32
C ALA A 188 -25.47 -7.95 -3.16
N VAL A 189 -25.19 -6.82 -2.52
CA VAL A 189 -24.42 -6.82 -1.28
C VAL A 189 -25.30 -6.36 -0.15
N LEU A 190 -25.26 -7.09 0.96
CA LEU A 190 -25.97 -6.64 2.14
C LEU A 190 -25.14 -5.61 2.89
N GLN A 191 -25.62 -4.38 2.98
CA GLN A 191 -24.91 -3.32 3.68
C GLN A 191 -25.11 -3.38 5.21
N SER A 192 -24.24 -2.69 5.94
CA SER A 192 -24.32 -2.56 7.41
C SER A 192 -25.73 -2.27 7.90
N SER A 193 -26.44 -1.47 7.11
CA SER A 193 -27.79 -1.02 7.44
C SER A 193 -28.78 -2.17 7.42
N GLY A 194 -28.35 -3.32 6.91
CA GLY A 194 -29.25 -4.44 6.70
C GLY A 194 -30.10 -4.33 5.43
N LEU A 195 -29.81 -3.35 4.58
CA LEU A 195 -30.50 -3.27 3.30
C LEU A 195 -29.54 -3.70 2.21
N TYR A 196 -30.08 -4.17 1.10
CA TYR A 196 -29.24 -4.58 -0.05
C TYR A 196 -28.92 -3.46 -1.04
N SER A 197 -27.84 -3.66 -1.80
CA SER A 197 -27.49 -2.75 -2.87
C SER A 197 -26.84 -3.50 -4.01
N LEU A 198 -27.03 -3.02 -5.24
CA LEU A 198 -26.24 -3.52 -6.36
C LEU A 198 -26.11 -2.48 -7.47
N SER A 199 -25.23 -2.74 -8.44
CA SER A 199 -25.21 -1.93 -9.64
C SER A 199 -25.51 -2.80 -10.86
N SER A 200 -26.14 -2.16 -11.85
CA SER A 200 -26.32 -2.75 -13.17
C SER A 200 -25.56 -1.87 -14.16
N VAL A 201 -24.75 -2.47 -15.02
CA VAL A 201 -23.98 -1.69 -15.97
C VAL A 201 -24.05 -2.27 -17.37
N VAL A 202 -23.63 -1.46 -18.34
CA VAL A 202 -23.66 -1.86 -19.74
C VAL A 202 -22.65 -1.01 -20.50
N THR A 203 -21.92 -1.63 -21.41
CA THR A 203 -20.93 -0.90 -22.16
C THR A 203 -21.54 -0.54 -23.52
N VAL A 204 -21.31 0.68 -24.00
CA VAL A 204 -21.90 1.16 -25.27
C VAL A 204 -20.90 1.95 -26.10
N PRO A 205 -21.13 2.07 -27.41
CA PRO A 205 -20.23 2.89 -28.23
C PRO A 205 -20.21 4.35 -27.79
N SER A 206 -19.01 4.95 -27.77
CA SER A 206 -18.80 6.35 -27.39
C SER A 206 -19.46 7.35 -28.35
N SER A 207 -19.50 7.01 -29.64
CA SER A 207 -20.09 7.88 -30.67
C SER A 207 -21.62 7.92 -30.53
N SER A 208 -22.17 6.78 -30.14
CA SER A 208 -23.60 6.58 -29.96
C SER A 208 -24.22 7.22 -28.72
N LEU A 209 -23.43 7.79 -27.82
CA LEU A 209 -23.99 8.43 -26.62
C LEU A 209 -25.04 9.49 -26.98
N GLY A 210 -24.67 10.46 -27.80
CA GLY A 210 -25.54 11.58 -28.12
C GLY A 210 -26.81 11.18 -28.85
N THR A 211 -26.67 10.26 -29.79
CA THR A 211 -27.81 9.80 -30.59
C THR A 211 -28.87 9.11 -29.71
N GLN A 212 -28.48 8.09 -28.95
CA GLN A 212 -29.46 7.25 -28.27
C GLN A 212 -29.57 7.49 -26.76
N THR A 213 -30.76 7.24 -26.25
CA THR A 213 -31.06 7.47 -24.84
C THR A 213 -31.00 6.13 -24.12
N TYR A 214 -30.50 6.15 -22.89
CA TYR A 214 -30.40 4.91 -22.10
C TYR A 214 -31.24 5.00 -20.82
N ILE A 215 -32.18 4.06 -20.65
CA ILE A 215 -33.03 4.01 -19.45
C ILE A 215 -33.02 2.61 -18.84
N CYS A 216 -32.85 2.54 -17.53
CA CYS A 216 -32.91 1.26 -16.83
C CYS A 216 -34.25 1.08 -16.11
N ASN A 217 -34.84 -0.09 -16.31
CA ASN A 217 -36.15 -0.38 -15.78
C ASN A 217 -36.00 -1.33 -14.60
N VAL A 218 -36.16 -0.77 -13.40
CA VAL A 218 -35.94 -1.52 -12.18
C VAL A 218 -37.26 -1.90 -11.51
N ASN A 219 -37.43 -3.20 -11.28
CA ASN A 219 -38.62 -3.70 -10.65
C ASN A 219 -38.29 -4.35 -9.31
N HIS A 220 -39.05 -3.99 -8.27
CA HIS A 220 -38.90 -4.59 -6.94
C HIS A 220 -40.27 -4.93 -6.42
N LYS A 221 -40.75 -6.11 -6.77
CA LYS A 221 -42.12 -6.54 -6.50
C LYS A 221 -42.45 -6.62 -5.00
N PRO A 222 -41.53 -7.14 -4.18
CA PRO A 222 -41.83 -7.27 -2.75
C PRO A 222 -42.47 -6.00 -2.22
N SER A 223 -42.00 -4.86 -2.71
CA SER A 223 -42.53 -3.56 -2.32
C SER A 223 -43.30 -2.92 -3.47
N ASN A 224 -43.64 -3.73 -4.46
CA ASN A 224 -44.32 -3.28 -5.67
C ASN A 224 -43.85 -1.91 -6.17
N THR A 225 -42.54 -1.82 -6.41
CA THR A 225 -41.91 -0.60 -6.92
C THR A 225 -41.50 -0.84 -8.37
N LYS A 226 -41.68 0.18 -9.20
CA LYS A 226 -41.14 0.19 -10.55
C LYS A 226 -40.59 1.58 -10.83
N VAL A 227 -39.36 1.64 -11.36
CA VAL A 227 -38.68 2.91 -11.55
C VAL A 227 -37.90 2.84 -12.84
N ASP A 228 -37.96 3.92 -13.62
CA ASP A 228 -37.18 4.00 -14.84
C ASP A 228 -36.35 5.29 -14.81
N LYS A 229 -35.04 5.17 -15.03
CA LYS A 229 -34.14 6.31 -14.93
C LYS A 229 -33.28 6.49 -16.19
N LYS A 230 -33.19 7.74 -16.66
CA LYS A 230 -32.35 8.09 -17.80
C LYS A 230 -30.93 8.46 -17.38
N VAL A 231 -29.94 7.96 -18.10
CA VAL A 231 -28.55 8.26 -17.78
C VAL A 231 -27.96 9.20 -18.85
N GLU A 232 -27.50 10.36 -18.40
CA GLU A 232 -27.08 11.43 -19.30
C GLU A 232 -25.59 11.73 -19.12
N PRO A 233 -24.84 11.75 -20.23
CA PRO A 233 -23.39 11.92 -20.22
C PRO A 233 -22.95 13.20 -19.50
N GLU B 1 -14.66 -31.24 17.06
CA GLU B 1 -15.34 -31.32 15.74
C GLU B 1 -14.35 -31.20 14.58
N ILE B 2 -14.43 -32.10 13.60
CA ILE B 2 -13.41 -32.16 12.55
C ILE B 2 -13.53 -31.03 11.53
N VAL B 3 -12.44 -30.31 11.33
CA VAL B 3 -12.44 -29.24 10.36
C VAL B 3 -11.74 -29.73 9.12
N LEU B 4 -12.37 -29.54 7.97
CA LEU B 4 -11.79 -29.96 6.70
C LEU B 4 -11.29 -28.71 5.97
N THR B 5 -10.04 -28.73 5.54
CA THR B 5 -9.45 -27.57 4.81
C THR B 5 -9.01 -28.00 3.43
N GLN B 6 -9.62 -27.42 2.39
CA GLN B 6 -9.35 -27.86 1.06
C GLN B 6 -8.26 -26.96 0.46
N SER B 7 -7.53 -27.51 -0.48
CA SER B 7 -6.54 -26.70 -1.21
C SER B 7 -6.34 -27.37 -2.55
N PRO B 8 -5.83 -26.62 -3.54
CA PRO B 8 -5.65 -25.15 -3.49
C PRO B 8 -7.02 -24.46 -3.45
N ASP B 9 -7.06 -23.14 -3.27
CA ASP B 9 -8.38 -22.48 -3.28
C ASP B 9 -9.04 -22.48 -4.65
N THR B 10 -8.29 -22.24 -5.71
CA THR B 10 -8.87 -22.27 -7.04
CA THR B 10 -8.84 -22.25 -7.07
C THR B 10 -7.87 -22.83 -8.05
N LEU B 11 -8.36 -23.49 -9.10
CA LEU B 11 -7.54 -24.02 -10.15
C LEU B 11 -8.07 -23.44 -11.48
N SER B 12 -7.17 -23.01 -12.38
CA SER B 12 -7.56 -22.52 -13.70
C SER B 12 -7.10 -23.50 -14.74
N LEU B 13 -8.03 -24.30 -15.21
CA LEU B 13 -7.67 -25.43 -16.07
C LEU B 13 -8.51 -25.39 -17.36
N SER B 14 -8.29 -26.33 -18.26
CA SER B 14 -8.92 -26.34 -19.58
CA SER B 14 -8.93 -26.32 -19.56
C SER B 14 -9.39 -27.76 -19.83
N PRO B 15 -10.43 -27.93 -20.66
CA PRO B 15 -10.89 -29.30 -20.90
C PRO B 15 -9.75 -30.20 -21.34
N GLY B 16 -9.73 -31.43 -20.84
CA GLY B 16 -8.70 -32.37 -21.22
C GLY B 16 -7.61 -32.40 -20.17
N GLU B 17 -7.54 -31.34 -19.34
CA GLU B 17 -6.50 -31.32 -18.32
C GLU B 17 -6.97 -32.13 -17.09
N ARG B 18 -6.04 -32.46 -16.21
CA ARG B 18 -6.34 -33.14 -14.95
C ARG B 18 -6.51 -32.15 -13.77
N ALA B 19 -7.52 -32.32 -12.92
CA ALA B 19 -7.60 -31.52 -11.69
C ALA B 19 -7.39 -32.41 -10.48
N THR B 20 -6.54 -31.99 -9.54
CA THR B 20 -6.38 -32.77 -8.30
C THR B 20 -6.76 -31.87 -7.13
N LEU B 21 -7.74 -32.30 -6.33
CA LEU B 21 -8.24 -31.52 -5.20
CA LEU B 21 -8.20 -31.52 -5.19
C LEU B 21 -7.82 -32.21 -3.90
N SER B 22 -7.40 -31.44 -2.92
CA SER B 22 -6.96 -32.06 -1.68
CA SER B 22 -6.92 -32.02 -1.66
C SER B 22 -7.79 -31.55 -0.52
N CYS B 23 -7.86 -32.35 0.54
CA CYS B 23 -8.66 -32.01 1.71
C CYS B 23 -7.87 -32.51 2.90
N ARG B 24 -7.52 -31.60 3.78
CA ARG B 24 -6.87 -31.97 5.04
C ARG B 24 -7.92 -32.07 6.17
N ALA B 25 -7.89 -33.13 6.98
CA ALA B 25 -8.83 -33.21 8.11
C ALA B 25 -8.04 -32.86 9.37
N SER B 26 -8.67 -32.21 10.34
CA SER B 26 -7.94 -31.78 11.53
C SER B 26 -7.69 -32.95 12.48
N GLN B 27 -8.28 -34.09 12.18
CA GLN B 27 -8.12 -35.30 12.97
C GLN B 27 -8.20 -36.44 11.98
N SER B 28 -7.58 -37.57 12.28
CA SER B 28 -7.54 -38.70 11.36
C SER B 28 -8.94 -39.23 11.14
N VAL B 29 -9.27 -39.49 9.88
CA VAL B 29 -10.58 -40.08 9.53
C VAL B 29 -10.25 -41.36 8.78
N HIS B 30 -11.01 -42.43 9.02
CA HIS B 30 -10.76 -43.69 8.30
C HIS B 30 -11.10 -43.52 6.81
N SER B 31 -10.33 -44.21 5.96
CA SER B 31 -10.42 -44.05 4.51
C SER B 31 -11.87 -44.13 3.98
N ARG B 32 -12.72 -44.95 4.61
CA ARG B 32 -14.02 -45.22 4.01
C ARG B 32 -15.15 -44.24 4.41
N TYR B 33 -14.84 -43.21 5.19
CA TYR B 33 -15.89 -42.32 5.70
C TYR B 33 -15.77 -40.92 5.14
N PHE B 34 -15.63 -40.85 3.81
CA PHE B 34 -15.41 -39.61 3.10
C PHE B 34 -16.24 -39.59 1.82
N ALA B 35 -16.77 -38.41 1.50
CA ALA B 35 -17.51 -38.16 0.26
C ALA B 35 -17.04 -36.87 -0.43
N TRP B 36 -17.36 -36.75 -1.73
CA TRP B 36 -17.07 -35.52 -2.46
C TRP B 36 -18.27 -35.13 -3.31
N TYR B 37 -18.48 -33.82 -3.41
CA TYR B 37 -19.61 -33.28 -4.12
C TYR B 37 -19.17 -32.23 -5.12
N GLN B 38 -20.00 -32.00 -6.11
CA GLN B 38 -19.71 -30.97 -7.11
C GLN B 38 -20.89 -30.05 -7.07
N HIS B 39 -20.67 -28.74 -7.18
CA HIS B 39 -21.78 -27.82 -7.07
C HIS B 39 -21.60 -26.65 -8.05
N LYS B 40 -22.52 -26.47 -8.98
CA LYS B 40 -22.46 -25.30 -9.86
C LYS B 40 -23.52 -24.31 -9.41
N PRO B 41 -23.24 -23.00 -9.56
CA PRO B 41 -24.29 -22.02 -9.25
C PRO B 41 -25.68 -22.37 -9.82
N GLY B 42 -26.71 -22.20 -9.02
CA GLY B 42 -28.07 -22.32 -9.51
C GLY B 42 -28.60 -23.74 -9.61
N GLN B 43 -27.78 -24.71 -9.20
CA GLN B 43 -28.15 -26.11 -9.27
C GLN B 43 -27.86 -26.81 -7.97
N PRO B 44 -28.61 -27.89 -7.68
CA PRO B 44 -28.30 -28.64 -6.45
C PRO B 44 -26.93 -29.28 -6.51
N PRO B 45 -26.24 -29.38 -5.36
CA PRO B 45 -24.98 -30.13 -5.30
C PRO B 45 -25.17 -31.55 -5.83
N ARG B 46 -24.08 -32.19 -6.28
CA ARG B 46 -24.19 -33.52 -6.87
C ARG B 46 -23.17 -34.44 -6.21
N LEU B 47 -23.58 -35.63 -5.75
CA LEU B 47 -22.62 -36.54 -5.11
C LEU B 47 -21.69 -37.14 -6.17
N LEU B 48 -20.37 -37.12 -5.96
CA LEU B 48 -19.43 -37.75 -6.87
C LEU B 48 -18.84 -39.07 -6.33
N ILE B 49 -18.42 -39.01 -5.08
CA ILE B 49 -17.70 -40.12 -4.44
C ILE B 49 -18.28 -40.34 -3.06
N TYR B 50 -18.44 -41.60 -2.68
CA TYR B 50 -18.70 -41.94 -1.28
C TYR B 50 -17.79 -43.09 -0.84
N GLY B 51 -17.73 -43.39 0.45
CA GLY B 51 -16.92 -44.52 0.91
C GLY B 51 -15.44 -44.29 0.62
N GLY B 52 -15.04 -43.02 0.58
CA GLY B 52 -13.67 -42.60 0.21
C GLY B 52 -13.26 -42.68 -1.27
N SER B 53 -13.62 -43.76 -1.96
CA SER B 53 -13.13 -43.97 -3.32
CA SER B 53 -13.12 -44.02 -3.30
C SER B 53 -14.16 -44.59 -4.27
N THR B 54 -15.40 -44.78 -3.80
CA THR B 54 -16.45 -45.41 -4.62
C THR B 54 -17.19 -44.34 -5.46
N ARG B 55 -17.31 -44.52 -6.78
CA ARG B 55 -18.06 -43.57 -7.62
C ARG B 55 -19.56 -43.72 -7.42
N ALA B 56 -20.27 -42.60 -7.28
CA ALA B 56 -21.72 -42.58 -7.14
C ALA B 56 -22.38 -43.05 -8.45
N THR B 57 -23.64 -43.44 -8.40
CA THR B 57 -24.32 -43.88 -9.62
C THR B 57 -24.27 -42.82 -10.70
N GLY B 58 -24.00 -43.23 -11.94
CA GLY B 58 -23.95 -42.30 -13.04
C GLY B 58 -22.65 -41.53 -13.21
N ILE B 59 -21.71 -41.71 -12.26
CA ILE B 59 -20.47 -40.92 -12.29
C ILE B 59 -19.38 -41.66 -13.09
N PRO B 60 -18.84 -41.02 -14.14
CA PRO B 60 -17.93 -41.78 -15.00
C PRO B 60 -16.55 -42.02 -14.38
N ASN B 61 -15.81 -42.98 -14.92
CA ASN B 61 -14.55 -43.40 -14.32
C ASN B 61 -13.43 -42.33 -14.36
N ARG B 62 -13.64 -41.23 -15.07
CA ARG B 62 -12.66 -40.13 -15.04
C ARG B 62 -12.56 -39.48 -13.64
N PHE B 63 -13.59 -39.63 -12.79
CA PHE B 63 -13.47 -39.17 -11.39
C PHE B 63 -12.88 -40.30 -10.54
N SER B 64 -11.92 -39.99 -9.67
CA SER B 64 -11.43 -41.02 -8.75
C SER B 64 -11.03 -40.32 -7.47
N ALA B 65 -11.09 -41.03 -6.34
CA ALA B 65 -10.75 -40.37 -5.06
C ALA B 65 -10.15 -41.39 -4.12
N GLY B 66 -9.53 -40.92 -3.05
CA GLY B 66 -8.98 -41.83 -2.07
C GLY B 66 -8.32 -41.06 -0.96
N GLY B 67 -7.46 -41.74 -0.22
CA GLY B 67 -6.79 -41.10 0.89
C GLY B 67 -7.18 -41.70 2.21
N SER B 68 -6.60 -41.17 3.27
CA SER B 68 -6.70 -41.79 4.58
C SER B 68 -6.02 -40.84 5.58
N GLY B 69 -6.37 -40.98 6.84
CA GLY B 69 -5.64 -40.28 7.88
C GLY B 69 -6.05 -38.83 7.85
N THR B 70 -5.16 -37.92 7.50
CA THR B 70 -5.53 -36.51 7.48
C THR B 70 -5.49 -35.93 6.07
N GLN B 71 -5.27 -36.76 5.05
CA GLN B 71 -5.39 -36.19 3.69
C GLN B 71 -6.23 -37.04 2.76
N PHE B 72 -7.18 -36.41 2.10
CA PHE B 72 -8.00 -37.08 1.12
C PHE B 72 -7.91 -36.29 -0.18
N THR B 73 -7.97 -36.99 -1.31
CA THR B 73 -7.94 -36.34 -2.60
C THR B 73 -9.03 -36.84 -3.54
N LEU B 74 -9.45 -35.92 -4.42
CA LEU B 74 -10.29 -36.23 -5.59
C LEU B 74 -9.51 -35.82 -6.85
N THR B 75 -9.46 -36.68 -7.85
CA THR B 75 -8.86 -36.33 -9.13
CA THR B 75 -8.90 -36.24 -9.12
C THR B 75 -9.91 -36.40 -10.24
N VAL B 76 -10.01 -35.36 -11.07
CA VAL B 76 -10.77 -35.45 -12.31
C VAL B 76 -9.76 -35.65 -13.44
N ASN B 77 -9.80 -36.82 -14.08
CA ASN B 77 -8.71 -37.29 -14.93
C ASN B 77 -8.48 -36.45 -16.17
N ARG B 78 -9.58 -35.99 -16.78
CA ARG B 78 -9.59 -35.19 -18.01
C ARG B 78 -10.87 -34.35 -17.95
N LEU B 79 -10.75 -33.08 -17.58
CA LEU B 79 -11.91 -32.19 -17.45
C LEU B 79 -12.74 -31.99 -18.73
N GLU B 80 -14.07 -31.90 -18.56
CA GLU B 80 -15.05 -31.51 -19.59
C GLU B 80 -15.72 -30.20 -19.11
N ALA B 81 -16.61 -29.54 -19.89
CA ALA B 81 -17.18 -28.24 -19.45
C ALA B 81 -17.99 -28.31 -18.14
N GLU B 82 -18.82 -29.33 -18.01
CA GLU B 82 -19.64 -29.42 -16.80
C GLU B 82 -18.77 -29.59 -15.58
N ASP B 83 -17.45 -29.80 -15.74
CA ASP B 83 -16.70 -30.08 -14.54
C ASP B 83 -16.22 -28.80 -13.93
N PHE B 84 -16.42 -27.67 -14.62
CA PHE B 84 -16.02 -26.41 -13.98
C PHE B 84 -17.09 -25.98 -12.97
N ALA B 85 -16.70 -25.94 -11.70
CA ALA B 85 -17.68 -25.83 -10.63
C ALA B 85 -16.92 -25.81 -9.30
N VAL B 86 -17.64 -25.82 -8.17
CA VAL B 86 -16.95 -25.83 -6.88
C VAL B 86 -17.07 -27.23 -6.36
N TYR B 87 -16.01 -27.73 -5.72
CA TYR B 87 -15.98 -29.10 -5.23
C TYR B 87 -15.77 -29.09 -3.73
N TYR B 88 -16.54 -29.93 -3.01
CA TYR B 88 -16.48 -29.96 -1.56
C TYR B 88 -16.18 -31.37 -1.09
N CYS B 89 -15.30 -31.51 -0.12
CA CYS B 89 -15.18 -32.78 0.57
C CYS B 89 -16.13 -32.78 1.79
N GLN B 90 -16.38 -33.99 2.28
CA GLN B 90 -17.27 -34.17 3.43
C GLN B 90 -16.81 -35.40 4.14
N GLN B 91 -16.67 -35.28 5.47
CA GLN B 91 -16.31 -36.45 6.31
C GLN B 91 -17.53 -36.92 7.09
N TYR B 92 -17.67 -38.24 7.21
CA TYR B 92 -18.71 -38.82 8.08
C TYR B 92 -18.05 -39.86 9.01
N GLY B 93 -16.79 -39.60 9.40
CA GLY B 93 -16.12 -40.44 10.39
C GLY B 93 -16.64 -40.14 11.79
N ARG B 94 -17.11 -38.92 12.01
CA ARG B 94 -17.40 -38.48 13.37
C ARG B 94 -18.42 -37.35 13.35
N SER B 95 -19.52 -37.50 14.12
CA SER B 95 -20.51 -36.44 14.21
C SER B 95 -19.97 -35.29 15.04
N PRO B 96 -20.31 -34.05 14.66
CA PRO B 96 -21.09 -33.64 13.49
C PRO B 96 -20.37 -33.83 12.19
N TYR B 97 -21.08 -34.33 11.18
CA TYR B 97 -20.49 -34.44 9.88
C TYR B 97 -20.24 -33.01 9.40
N THR B 98 -19.13 -32.83 8.67
CA THR B 98 -18.70 -31.51 8.18
C THR B 98 -18.22 -31.52 6.75
N PHE B 99 -18.29 -30.34 6.13
CA PHE B 99 -17.80 -30.12 4.78
C PHE B 99 -16.56 -29.22 4.78
N GLY B 100 -15.70 -29.44 3.78
CA GLY B 100 -14.58 -28.53 3.49
C GLY B 100 -15.11 -27.19 2.95
N GLN B 101 -14.25 -26.17 2.76
CA GLN B 101 -14.76 -24.84 2.43
C GLN B 101 -14.94 -24.68 0.91
N GLY B 102 -14.59 -25.72 0.16
CA GLY B 102 -14.74 -25.69 -1.30
C GLY B 102 -13.46 -25.29 -2.05
N THR B 103 -13.24 -25.87 -3.23
CA THR B 103 -12.15 -25.47 -4.14
C THR B 103 -12.85 -25.18 -5.47
N LYS B 104 -12.58 -24.04 -6.07
CA LYS B 104 -13.21 -23.73 -7.37
C LYS B 104 -12.34 -24.16 -8.53
N VAL B 105 -12.92 -24.87 -9.48
CA VAL B 105 -12.18 -25.17 -10.69
C VAL B 105 -12.80 -24.31 -11.78
N GLU B 106 -12.03 -23.42 -12.38
CA GLU B 106 -12.61 -22.43 -13.31
C GLU B 106 -11.90 -22.58 -14.63
N ILE B 107 -12.52 -22.02 -15.67
CA ILE B 107 -12.02 -22.14 -17.04
C ILE B 107 -10.83 -21.23 -17.33
N ARG B 108 -9.73 -21.81 -17.80
CA ARG B 108 -8.59 -20.96 -18.24
C ARG B 108 -8.81 -20.44 -19.66
N ARG B 109 -8.64 -19.14 -19.89
CA ARG B 109 -8.69 -18.60 -21.27
C ARG B 109 -7.50 -17.66 -21.52
N THR B 110 -7.44 -17.00 -22.69
CA THR B 110 -6.33 -16.08 -22.98
C THR B 110 -6.51 -14.83 -22.09
N VAL B 111 -5.41 -14.10 -21.87
CA VAL B 111 -5.45 -12.95 -20.95
C VAL B 111 -6.34 -11.90 -21.58
N ALA B 112 -7.17 -11.22 -20.77
CA ALA B 112 -7.98 -10.10 -21.27
C ALA B 112 -7.93 -8.98 -20.22
N ALA B 113 -7.34 -7.84 -20.57
CA ALA B 113 -7.33 -6.71 -19.65
C ALA B 113 -8.75 -6.22 -19.35
N PRO B 114 -8.99 -5.67 -18.15
CA PRO B 114 -10.28 -5.04 -17.86
C PRO B 114 -10.45 -3.76 -18.66
N SER B 115 -11.67 -3.44 -19.07
CA SER B 115 -11.96 -2.05 -19.44
C SER B 115 -12.42 -1.37 -18.15
N VAL B 116 -11.85 -0.22 -17.81
CA VAL B 116 -12.01 0.30 -16.45
C VAL B 116 -12.76 1.63 -16.50
N PHE B 117 -13.76 1.79 -15.62
CA PHE B 117 -14.56 3.03 -15.66
C PHE B 117 -14.78 3.53 -14.25
N ILE B 118 -14.89 4.84 -14.05
CA ILE B 118 -15.22 5.33 -12.71
C ILE B 118 -16.45 6.23 -12.86
N PHE B 119 -17.35 6.12 -11.90
CA PHE B 119 -18.60 6.87 -11.87
C PHE B 119 -18.69 7.69 -10.58
N PRO B 120 -18.84 9.01 -10.68
CA PRO B 120 -18.97 9.73 -9.41
C PRO B 120 -20.38 9.57 -8.84
N PRO B 121 -20.58 9.97 -7.56
CA PRO B 121 -21.94 10.07 -7.04
C PRO B 121 -22.86 10.92 -7.95
N SER B 122 -24.10 10.49 -8.16
CA SER B 122 -25.04 11.25 -8.97
C SER B 122 -25.60 12.43 -8.20
N ASP B 123 -26.24 13.35 -8.91
CA ASP B 123 -26.84 14.51 -8.26
C ASP B 123 -27.99 14.03 -7.39
N GLU B 124 -28.78 13.11 -7.94
CA GLU B 124 -29.93 12.53 -7.26
C GLU B 124 -29.51 11.97 -5.89
N GLN B 125 -28.62 10.98 -5.89
CA GLN B 125 -28.17 10.41 -4.63
C GLN B 125 -27.64 11.49 -3.69
N LEU B 126 -26.93 12.47 -4.21
CA LEU B 126 -26.44 13.50 -3.32
C LEU B 126 -27.62 14.25 -2.69
N LYS B 127 -28.59 14.68 -3.50
CA LYS B 127 -29.74 15.41 -2.94
C LYS B 127 -30.39 14.60 -1.82
N SER B 128 -30.41 13.27 -2.00
CA SER B 128 -31.04 12.39 -1.02
C SER B 128 -30.14 12.19 0.22
N GLY B 129 -28.89 12.63 0.12
CA GLY B 129 -28.01 12.67 1.28
C GLY B 129 -26.99 11.55 1.45
N THR B 130 -26.81 10.67 0.43
CA THR B 130 -25.73 9.71 0.49
C THR B 130 -24.73 9.87 -0.69
N ALA B 131 -23.57 9.23 -0.58
CA ALA B 131 -22.52 9.31 -1.63
C ALA B 131 -21.80 7.98 -1.91
N SER B 132 -22.03 7.41 -3.10
CA SER B 132 -21.35 6.19 -3.54
C SER B 132 -20.50 6.43 -4.80
N VAL B 133 -19.26 5.98 -4.78
CA VAL B 133 -18.42 6.11 -5.95
C VAL B 133 -18.21 4.69 -6.46
N VAL B 134 -18.42 4.45 -7.75
CA VAL B 134 -18.31 3.09 -8.28
C VAL B 134 -17.16 2.97 -9.28
N CYS B 135 -16.35 1.93 -9.14
CA CYS B 135 -15.31 1.63 -10.11
C CYS B 135 -15.69 0.28 -10.80
N LEU B 136 -15.77 0.27 -12.12
CA LEU B 136 -16.15 -0.92 -12.89
C LEU B 136 -14.94 -1.50 -13.59
N LEU B 137 -14.71 -2.81 -13.44
CA LEU B 137 -13.70 -3.52 -14.24
C LEU B 137 -14.47 -4.48 -15.13
N ASN B 138 -14.43 -4.30 -16.44
CA ASN B 138 -15.33 -5.07 -17.28
C ASN B 138 -14.60 -6.14 -18.11
N ASN B 139 -15.13 -7.36 -18.08
CA ASN B 139 -14.72 -8.39 -19.04
C ASN B 139 -13.25 -8.65 -19.05
N PHE B 140 -12.73 -9.16 -17.95
CA PHE B 140 -11.30 -9.41 -17.84
C PHE B 140 -11.00 -10.87 -17.43
N TYR B 141 -9.78 -11.30 -17.69
CA TYR B 141 -9.29 -12.61 -17.28
C TYR B 141 -7.77 -12.53 -17.19
N PRO B 142 -7.17 -13.10 -16.13
CA PRO B 142 -7.72 -13.93 -15.07
C PRO B 142 -8.43 -13.14 -13.99
N ARG B 143 -8.93 -13.87 -12.99
CA ARG B 143 -9.75 -13.27 -11.93
C ARG B 143 -9.01 -12.27 -11.06
N GLU B 144 -7.75 -12.54 -10.78
CA GLU B 144 -7.00 -11.74 -9.82
C GLU B 144 -6.87 -10.29 -10.30
N ALA B 145 -7.28 -9.34 -9.47
CA ALA B 145 -7.19 -7.95 -9.84
C ALA B 145 -7.22 -7.14 -8.59
N LYS B 146 -6.31 -6.20 -8.47
CA LYS B 146 -6.21 -5.40 -7.25
C LYS B 146 -6.84 -4.04 -7.56
N VAL B 147 -7.78 -3.61 -6.74
CA VAL B 147 -8.42 -2.31 -6.94
C VAL B 147 -8.17 -1.47 -5.69
N GLN B 148 -7.58 -0.30 -5.86
CA GLN B 148 -7.25 0.56 -4.72
C GLN B 148 -7.91 1.89 -4.93
N TRP B 149 -8.58 2.38 -3.89
CA TRP B 149 -9.20 3.69 -3.95
C TRP B 149 -8.29 4.76 -3.34
N LYS B 150 -8.27 5.93 -3.96
CA LYS B 150 -7.56 7.07 -3.36
C LYS B 150 -8.47 8.27 -3.39
N VAL B 151 -8.49 9.01 -2.28
CA VAL B 151 -9.26 10.23 -2.17
C VAL B 151 -8.31 11.34 -1.79
N ASP B 152 -8.19 12.36 -2.63
CA ASP B 152 -7.10 13.33 -2.49
C ASP B 152 -5.79 12.59 -2.23
N ASN B 153 -5.60 11.48 -2.92
CA ASN B 153 -4.35 10.72 -2.86
C ASN B 153 -4.15 9.92 -1.58
N ALA B 154 -5.04 10.05 -0.62
CA ALA B 154 -4.98 9.21 0.58
C ALA B 154 -5.56 7.86 0.22
N LEU B 155 -4.80 6.79 0.47
CA LEU B 155 -5.28 5.43 0.20
C LEU B 155 -6.45 5.11 1.14
N GLN B 156 -7.53 4.55 0.59
CA GLN B 156 -8.71 4.20 1.37
C GLN B 156 -8.65 2.76 1.86
N SER B 157 -9.22 2.53 3.03
CA SER B 157 -9.26 1.20 3.62
CA SER B 157 -9.24 1.21 3.63
C SER B 157 -10.52 1.01 4.43
N GLY B 158 -11.20 -0.10 4.20
CA GLY B 158 -12.35 -0.47 5.00
C GLY B 158 -13.66 0.17 4.59
N ASN B 159 -13.65 0.94 3.50
CA ASN B 159 -14.86 1.66 3.12
C ASN B 159 -15.27 1.36 1.70
N SER B 160 -14.86 0.20 1.22
CA SER B 160 -15.27 -0.23 -0.12
C SER B 160 -15.65 -1.69 -0.08
N GLN B 161 -16.45 -2.11 -1.07
CA GLN B 161 -16.89 -3.51 -1.16
C GLN B 161 -16.87 -3.91 -2.63
N GLU B 162 -16.39 -5.11 -2.93
CA GLU B 162 -16.30 -5.56 -4.32
C GLU B 162 -17.40 -6.57 -4.57
N SER B 163 -17.99 -6.54 -5.78
CA SER B 163 -18.90 -7.59 -6.19
CA SER B 163 -18.93 -7.57 -6.20
C SER B 163 -18.45 -8.10 -7.56
N VAL B 164 -18.61 -9.40 -7.83
CA VAL B 164 -18.01 -9.97 -9.03
C VAL B 164 -19.03 -10.88 -9.68
N THR B 165 -19.09 -10.91 -10.99
CA THR B 165 -20.03 -11.81 -11.62
C THR B 165 -19.42 -13.22 -11.72
N GLU B 166 -20.28 -14.20 -11.99
CA GLU B 166 -19.81 -15.52 -12.37
C GLU B 166 -18.99 -15.45 -13.67
N GLN B 167 -18.10 -16.40 -13.87
CA GLN B 167 -17.36 -16.44 -15.13
C GLN B 167 -18.37 -16.50 -16.31
N ASP B 168 -18.17 -15.67 -17.33
CA ASP B 168 -19.15 -15.56 -18.40
C ASP B 168 -19.28 -16.87 -19.22
N SER B 169 -20.50 -17.32 -19.47
CA SER B 169 -20.72 -18.58 -20.18
C SER B 169 -20.22 -18.57 -21.64
N LYS B 170 -20.08 -17.40 -22.24
CA LYS B 170 -19.72 -17.33 -23.64
C LYS B 170 -18.23 -17.05 -23.79
N ASP B 171 -17.70 -16.13 -22.98
CA ASP B 171 -16.34 -15.69 -23.21
C ASP B 171 -15.41 -15.93 -22.01
N SER B 172 -15.92 -16.57 -20.96
CA SER B 172 -15.16 -16.96 -19.75
C SER B 172 -14.44 -15.80 -19.04
N THR B 173 -14.96 -14.60 -19.20
CA THR B 173 -14.39 -13.50 -18.44
C THR B 173 -15.20 -13.14 -17.17
N TYR B 174 -14.64 -12.21 -16.37
CA TYR B 174 -15.29 -11.75 -15.16
C TYR B 174 -15.56 -10.27 -15.33
N SER B 175 -16.54 -9.73 -14.60
CA SER B 175 -16.61 -8.27 -14.41
C SER B 175 -16.70 -8.01 -12.95
N LEU B 176 -16.29 -6.81 -12.54
CA LEU B 176 -16.24 -6.57 -11.09
C LEU B 176 -16.59 -5.11 -10.81
N SER B 177 -17.26 -4.86 -9.69
CA SER B 177 -17.53 -3.48 -9.28
C SER B 177 -16.85 -3.32 -7.93
N SER B 178 -16.29 -2.14 -7.71
CA SER B 178 -15.82 -1.77 -6.39
C SER B 178 -16.53 -0.49 -6.05
N THR B 179 -17.19 -0.48 -4.90
CA THR B 179 -18.03 0.63 -4.52
C THR B 179 -17.56 1.25 -3.22
N LEU B 180 -17.12 2.50 -3.32
CA LEU B 180 -16.63 3.27 -2.21
C LEU B 180 -17.80 4.07 -1.60
N THR B 181 -18.04 3.85 -0.31
CA THR B 181 -19.16 4.49 0.36
C THR B 181 -18.67 5.56 1.34
N LEU B 182 -19.13 6.79 1.13
CA LEU B 182 -18.75 7.95 1.96
C LEU B 182 -19.99 8.71 2.44
N SER B 183 -19.89 9.37 3.60
CA SER B 183 -20.92 10.32 3.97
C SER B 183 -20.90 11.43 2.94
N LYS B 184 -22.01 12.15 2.75
CA LYS B 184 -21.98 13.26 1.82
C LYS B 184 -21.02 14.28 2.39
N ALA B 185 -21.03 14.44 3.71
CA ALA B 185 -20.14 15.45 4.30
C ALA B 185 -18.68 15.20 3.91
N ASP B 186 -18.19 13.96 3.98
CA ASP B 186 -16.80 13.67 3.59
C ASP B 186 -16.57 13.81 2.11
N TYR B 187 -17.55 13.41 1.31
CA TYR B 187 -17.39 13.52 -0.13
C TYR B 187 -17.11 14.96 -0.47
N GLU B 188 -17.89 15.85 0.15
CA GLU B 188 -17.77 17.29 -0.09
C GLU B 188 -16.43 17.86 0.41
N LYS B 189 -15.79 17.17 1.35
CA LYS B 189 -14.53 17.63 1.93
C LYS B 189 -13.33 17.40 1.03
N HIS B 190 -13.48 16.56 0.00
CA HIS B 190 -12.34 16.22 -0.83
C HIS B 190 -12.62 16.46 -2.31
N LYS B 191 -11.53 16.49 -3.09
CA LYS B 191 -11.56 16.86 -4.50
C LYS B 191 -11.33 15.67 -5.46
N VAL B 192 -10.17 15.02 -5.38
CA VAL B 192 -9.81 14.04 -6.39
C VAL B 192 -10.18 12.61 -5.97
N TYR B 193 -10.83 11.88 -6.84
CA TYR B 193 -11.24 10.52 -6.51
C TYR B 193 -10.70 9.58 -7.55
N ALA B 194 -10.14 8.46 -7.12
CA ALA B 194 -9.40 7.65 -8.08
C ALA B 194 -9.49 6.19 -7.74
N CYS B 195 -9.64 5.38 -8.79
CA CYS B 195 -9.62 3.93 -8.70
C CYS B 195 -8.34 3.50 -9.44
N GLU B 196 -7.45 2.76 -8.78
CA GLU B 196 -6.24 2.26 -9.45
C GLU B 196 -6.35 0.73 -9.55
N VAL B 197 -6.16 0.21 -10.75
CA VAL B 197 -6.38 -1.20 -11.07
C VAL B 197 -5.10 -1.88 -11.55
N THR B 198 -4.72 -2.99 -10.92
CA THR B 198 -3.54 -3.77 -11.33
C THR B 198 -4.01 -5.12 -11.83
N HIS B 199 -3.53 -5.55 -12.98
CA HIS B 199 -4.06 -6.79 -13.56
C HIS B 199 -3.07 -7.28 -14.60
N GLN B 200 -2.96 -8.60 -14.74
CA GLN B 200 -2.06 -9.23 -15.71
C GLN B 200 -2.13 -8.66 -17.14
N GLY B 201 -3.31 -8.28 -17.62
CA GLY B 201 -3.47 -7.79 -18.99
C GLY B 201 -3.08 -6.34 -19.21
N LEU B 202 -2.78 -5.63 -18.12
CA LEU B 202 -2.27 -4.25 -18.21
C LEU B 202 -0.79 -4.22 -18.03
N SER B 203 -0.11 -3.42 -18.85
CA SER B 203 1.36 -3.32 -18.84
C SER B 203 1.83 -2.66 -17.54
N SER B 204 0.95 -1.82 -16.98
CA SER B 204 1.15 -1.24 -15.65
C SER B 204 -0.22 -0.81 -15.07
N PRO B 205 -0.28 -0.45 -13.78
CA PRO B 205 -1.60 -0.18 -13.19
C PRO B 205 -2.30 0.99 -13.87
N VAL B 206 -3.61 0.88 -14.06
CA VAL B 206 -4.38 1.93 -14.70
C VAL B 206 -5.16 2.73 -13.65
N THR B 207 -5.13 4.06 -13.73
CA THR B 207 -5.93 4.84 -12.81
C THR B 207 -7.05 5.60 -13.52
N LYS B 208 -8.30 5.44 -13.07
CA LYS B 208 -9.37 6.29 -13.58
C LYS B 208 -9.70 7.27 -12.47
N SER B 209 -9.92 8.53 -12.79
CA SER B 209 -10.22 9.44 -11.69
C SER B 209 -11.06 10.61 -12.13
N PHE B 210 -11.63 11.34 -11.18
CA PHE B 210 -12.35 12.55 -11.51
C PHE B 210 -12.14 13.58 -10.40
N ASN B 211 -12.34 14.83 -10.73
CA ASN B 211 -12.34 15.87 -9.71
C ASN B 211 -13.77 16.18 -9.38
N ARG B 212 -14.12 16.24 -8.11
CA ARG B 212 -15.49 16.52 -7.74
C ARG B 212 -15.86 17.85 -8.38
N GLY B 213 -16.98 17.88 -9.09
CA GLY B 213 -17.53 19.13 -9.60
C GLY B 213 -16.97 19.52 -10.96
N GLU B 214 -16.19 18.63 -11.57
CA GLU B 214 -15.61 18.92 -12.87
C GLU B 214 -15.90 17.80 -13.86
N GLU C 1 23.76 -0.87 23.21
CA GLU C 1 23.54 -0.30 24.58
C GLU C 1 22.51 0.83 24.55
N VAL C 2 22.98 2.07 24.67
CA VAL C 2 22.11 3.24 24.66
C VAL C 2 21.54 3.50 23.28
N GLN C 3 20.22 3.69 23.20
CA GLN C 3 19.63 4.02 21.92
C GLN C 3 18.46 4.97 22.07
N LEU C 4 18.22 5.75 21.03
CA LEU C 4 17.12 6.68 20.97
C LEU C 4 16.52 6.47 19.62
N VAL C 5 15.24 6.09 19.57
CA VAL C 5 14.64 5.73 18.29
C VAL C 5 13.50 6.68 18.02
N GLU C 6 13.59 7.46 16.95
CA GLU C 6 12.54 8.42 16.64
C GLU C 6 11.45 7.86 15.73
N SER C 7 10.23 8.34 15.91
CA SER C 7 9.12 7.98 15.03
C SER C 7 8.20 9.17 14.82
N GLY C 8 7.35 9.05 13.81
CA GLY C 8 6.27 9.99 13.60
C GLY C 8 6.54 11.01 12.49
N GLY C 9 7.67 10.88 11.80
CA GLY C 9 8.01 11.75 10.68
C GLY C 9 7.05 11.56 9.52
N GLY C 10 6.98 12.54 8.63
CA GLY C 10 6.19 12.33 7.42
C GLY C 10 5.81 13.63 6.76
N LEU C 11 4.80 13.55 5.88
CA LEU C 11 4.30 14.70 5.13
C LEU C 11 3.14 15.39 5.84
N ILE C 12 3.16 16.71 5.93
CA ILE C 12 2.07 17.43 6.60
C ILE C 12 1.73 18.66 5.77
N ARG C 13 0.46 19.06 5.68
CA ARG C 13 0.16 20.33 5.02
C ARG C 13 0.39 21.53 5.97
N PRO C 14 0.68 22.70 5.40
CA PRO C 14 0.88 23.90 6.24
C PRO C 14 -0.36 24.22 7.08
N GLY C 15 -0.10 24.65 8.32
CA GLY C 15 -1.17 24.85 9.27
C GLY C 15 -1.39 23.56 10.05
N GLY C 16 -0.86 22.46 9.53
CA GLY C 16 -1.10 21.16 10.12
C GLY C 16 -0.31 20.94 11.39
N SER C 17 -0.52 19.76 11.97
CA SER C 17 0.14 19.35 13.21
C SER C 17 0.75 17.99 13.07
N LEU C 18 1.81 17.75 13.81
CA LEU C 18 2.54 16.50 13.77
C LEU C 18 3.12 16.28 15.16
N ARG C 19 3.09 15.04 15.63
CA ARG C 19 3.78 14.71 16.87
C ARG C 19 4.93 13.72 16.63
N LEU C 20 6.15 14.10 16.99
CA LEU C 20 7.27 13.19 16.93
C LEU C 20 7.44 12.49 18.27
N SER C 21 7.88 11.24 18.21
CA SER C 21 8.13 10.43 19.41
C SER C 21 9.57 9.99 19.42
N CYS C 22 10.19 9.93 20.59
CA CYS C 22 11.50 9.32 20.72
C CYS C 22 11.56 8.30 21.85
N LYS C 23 11.79 7.03 21.52
CA LYS C 23 11.88 5.99 22.55
C LYS C 23 13.33 5.83 23.04
N GLY C 24 13.53 5.93 24.35
CA GLY C 24 14.85 5.77 24.93
C GLY C 24 15.06 4.40 25.53
N SER C 25 16.26 3.83 25.36
CA SER C 25 16.58 2.54 25.96
C SER C 25 18.06 2.44 26.28
N GLY C 26 18.36 1.63 27.27
CA GLY C 26 19.73 1.27 27.57
C GLY C 26 20.33 2.18 28.60
N PHE C 27 19.50 2.98 29.28
CA PHE C 27 19.98 3.90 30.34
C PHE C 27 18.86 4.31 31.30
N ILE C 28 19.19 4.99 32.40
CA ILE C 28 18.15 5.26 33.42
C ILE C 28 17.41 6.54 33.01
N PHE C 29 16.37 6.34 32.21
CA PHE C 29 15.70 7.43 31.51
C PHE C 29 15.27 8.57 32.44
N GLU C 30 14.70 8.22 33.62
CA GLU C 30 14.20 9.26 34.53
C GLU C 30 15.25 10.28 35.03
N ASN C 31 16.55 10.00 34.88
CA ASN C 31 17.60 10.92 35.39
C ASN C 31 18.04 12.01 34.38
N PHE C 32 17.61 11.88 33.12
CA PHE C 32 18.24 12.68 32.04
C PHE C 32 17.31 13.73 31.47
N GLY C 33 17.92 14.85 31.08
CA GLY C 33 17.24 15.83 30.24
C GLY C 33 17.19 15.30 28.81
N PHE C 34 16.35 15.91 27.96
CA PHE C 34 16.34 15.54 26.54
C PHE C 34 16.09 16.79 25.70
N GLY C 35 16.32 16.69 24.39
CA GLY C 35 15.96 17.79 23.53
C GLY C 35 15.79 17.35 22.11
N TRP C 36 15.38 18.31 21.29
CA TRP C 36 15.25 18.12 19.86
C TRP C 36 16.12 19.18 19.11
N VAL C 37 16.72 18.75 18.00
CA VAL C 37 17.55 19.61 17.16
C VAL C 37 17.06 19.33 15.73
N ARG C 38 17.12 20.31 14.84
CA ARG C 38 16.73 20.04 13.45
C ARG C 38 17.73 20.61 12.48
N GLN C 39 17.72 20.10 11.25
CA GLN C 39 18.59 20.59 10.19
C GLN C 39 17.75 20.66 8.91
N GLY C 40 17.52 21.87 8.41
CA GLY C 40 16.70 22.05 7.20
C GLY C 40 17.64 21.91 5.99
N PRO C 41 17.07 21.94 4.76
CA PRO C 41 17.91 21.70 3.57
C PRO C 41 18.99 22.74 3.42
N GLY C 42 20.23 22.29 3.30
CA GLY C 42 21.38 23.16 3.14
C GLY C 42 21.58 24.14 4.28
N LYS C 43 21.09 23.79 5.47
CA LYS C 43 21.29 24.62 6.67
C LYS C 43 22.09 23.85 7.73
N GLY C 44 22.52 24.56 8.77
CA GLY C 44 23.23 23.93 9.86
C GLY C 44 22.25 23.42 10.92
N LEU C 45 22.75 22.90 12.02
CA LEU C 45 21.93 22.48 13.14
C LEU C 45 21.24 23.67 13.79
N GLU C 46 19.99 23.46 14.20
CA GLU C 46 19.20 24.47 14.87
C GLU C 46 18.57 23.87 16.13
N TRP C 47 18.76 24.54 17.24
CA TRP C 47 18.26 24.02 18.54
C TRP C 47 16.78 24.27 18.60
N VAL C 48 15.98 23.23 18.85
CA VAL C 48 14.51 23.34 18.78
C VAL C 48 13.87 23.36 20.15
N SER C 49 14.24 22.41 20.99
CA SER C 49 13.65 22.38 22.35
CA SER C 49 13.64 22.36 22.33
C SER C 49 14.49 21.54 23.30
N GLY C 50 14.24 21.72 24.59
CA GLY C 50 14.89 20.92 25.62
C GLY C 50 13.98 20.82 26.85
N THR C 51 14.10 19.74 27.61
CA THR C 51 13.37 19.65 28.87
C THR C 51 14.31 18.90 29.84
N ASN C 52 14.14 19.19 31.12
CA ASN C 52 14.99 18.57 32.14
C ASN C 52 14.34 17.26 32.68
N TRP C 53 14.96 16.67 33.69
CA TRP C 53 14.69 15.29 34.03
C TRP C 53 13.20 15.12 34.40
N ASN C 54 12.64 16.07 35.16
CA ASN C 54 11.25 15.96 35.61
C ASN C 54 10.26 16.77 34.74
N GLY C 55 10.74 17.34 33.65
CA GLY C 55 9.85 18.06 32.74
C GLY C 55 9.42 19.39 33.34
N GLY C 56 10.06 19.78 34.44
CA GLY C 56 9.76 21.04 35.07
C GLY C 56 10.20 22.32 34.36
N ASP C 57 11.26 22.17 33.56
CA ASP C 57 11.92 23.25 32.86
C ASP C 57 11.93 22.85 31.38
N SER C 58 11.20 23.56 30.56
CA SER C 58 11.14 23.27 29.13
C SER C 58 11.38 24.56 28.42
N ARG C 59 12.24 24.54 27.40
CA ARG C 59 12.58 25.74 26.66
C ARG C 59 12.61 25.50 25.15
N TYR C 60 12.47 26.58 24.39
CA TYR C 60 12.30 26.47 22.92
C TYR C 60 13.18 27.45 22.13
N GLY C 61 13.53 27.07 20.91
CA GLY C 61 14.20 28.02 20.01
C GLY C 61 13.21 29.10 19.60
N ASP C 62 13.69 30.28 19.27
CA ASP C 62 12.79 31.39 19.00
C ASP C 62 11.81 31.11 17.87
N SER C 63 12.21 30.32 16.88
CA SER C 63 11.41 30.15 15.68
CA SER C 63 11.40 30.16 15.68
C SER C 63 10.21 29.20 15.89
N VAL C 64 10.24 28.43 16.99
CA VAL C 64 9.17 27.45 17.25
C VAL C 64 8.38 27.70 18.55
N LYS C 65 8.80 28.70 19.32
CA LYS C 65 8.14 28.93 20.59
C LYS C 65 6.70 29.32 20.38
N GLY C 66 5.82 28.80 21.24
CA GLY C 66 4.40 28.97 21.08
C GLY C 66 3.73 27.95 20.17
N ARG C 67 4.48 27.30 19.29
CA ARG C 67 3.91 26.37 18.31
C ARG C 67 4.19 24.91 18.64
N PHE C 68 5.35 24.67 19.26
CA PHE C 68 5.83 23.32 19.60
C PHE C 68 5.84 23.12 21.13
N THR C 69 5.65 21.89 21.56
CA THR C 69 5.63 21.54 22.97
C THR C 69 6.39 20.25 23.15
N ILE C 70 7.37 20.27 24.04
CA ILE C 70 8.08 19.05 24.41
C ILE C 70 7.50 18.47 25.69
N SER C 71 7.43 17.15 25.79
CA SER C 71 6.90 16.50 26.98
C SER C 71 7.61 15.15 27.11
N ARG C 72 7.31 14.43 28.19
CA ARG C 72 7.96 13.15 28.42
C ARG C 72 7.06 12.20 29.21
N ASP C 73 7.33 10.90 29.05
CA ASP C 73 6.62 9.87 29.75
C ASP C 73 7.69 8.89 30.19
N ASN C 74 8.15 9.05 31.43
CA ASN C 74 9.09 8.10 32.01
C ASN C 74 8.54 6.65 32.07
N SER C 75 7.26 6.46 32.36
CA SER C 75 6.77 5.09 32.49
C SER C 75 7.08 4.24 31.24
N ASN C 76 7.12 4.88 30.08
CA ASN C 76 7.27 4.21 28.80
C ASN C 76 8.54 4.63 28.06
N ASN C 77 9.33 5.49 28.69
CA ASN C 77 10.61 5.97 28.14
C ASN C 77 10.42 6.71 26.80
N PHE C 78 9.40 7.55 26.72
CA PHE C 78 9.18 8.37 25.54
C PHE C 78 9.41 9.86 25.80
N VAL C 79 10.07 10.55 24.86
CA VAL C 79 10.02 12.00 24.86
CA VAL C 79 10.05 12.00 24.84
C VAL C 79 9.20 12.35 23.62
N TYR C 80 8.44 13.43 23.67
CA TYR C 80 7.60 13.80 22.53
C TYR C 80 7.83 15.25 22.13
N LEU C 81 7.59 15.56 20.86
CA LEU C 81 7.62 16.94 20.40
C LEU C 81 6.33 17.18 19.63
N GLN C 82 5.42 17.93 20.23
CA GLN C 82 4.14 18.17 19.59
C GLN C 82 4.32 19.40 18.68
N MET C 83 4.08 19.26 17.39
CA MET C 83 4.36 20.37 16.49
C MET C 83 3.06 20.88 15.89
N ASN C 84 2.66 22.09 16.30
CA ASN C 84 1.45 22.72 15.78
C ASN C 84 1.73 23.88 14.79
N SER C 85 0.73 24.21 13.97
CA SER C 85 0.83 25.38 13.09
C SER C 85 2.12 25.36 12.26
N LEU C 86 2.37 24.21 11.64
CA LEU C 86 3.60 24.01 10.89
C LEU C 86 3.59 24.87 9.62
N ARG C 87 4.80 25.25 9.20
CA ARG C 87 5.04 26.10 8.04
C ARG C 87 6.04 25.37 7.15
N PRO C 88 6.09 25.75 5.86
CA PRO C 88 7.09 25.09 4.98
C PRO C 88 8.53 25.14 5.50
N GLU C 89 8.92 26.26 6.14
CA GLU C 89 10.28 26.43 6.63
C GLU C 89 10.57 25.55 7.86
N ASP C 90 9.58 24.79 8.35
CA ASP C 90 9.88 23.77 9.37
C ASP C 90 10.29 22.43 8.74
N THR C 91 10.27 22.36 7.41
CA THR C 91 10.78 21.16 6.75
C THR C 91 12.24 20.89 7.14
N ALA C 92 12.54 19.67 7.57
CA ALA C 92 13.86 19.41 8.12
C ALA C 92 13.93 18.00 8.62
N ILE C 93 15.15 17.55 8.87
CA ILE C 93 15.40 16.34 9.62
C ILE C 93 15.39 16.75 11.09
N TYR C 94 14.57 16.09 11.91
CA TYR C 94 14.53 16.37 13.33
C TYR C 94 15.21 15.22 14.05
N TYR C 95 16.09 15.57 14.99
CA TYR C 95 16.78 14.59 15.84
C TYR C 95 16.31 14.72 17.29
N CYS C 96 16.06 13.57 17.93
CA CYS C 96 15.89 13.52 19.39
C CYS C 96 17.29 13.37 19.97
N ALA C 97 17.56 13.91 21.16
CA ALA C 97 18.88 13.72 21.74
C ALA C 97 18.81 13.71 23.27
N ARG C 98 19.73 12.98 23.88
CA ARG C 98 19.77 12.89 25.34
C ARG C 98 20.68 13.98 25.90
N GLY C 99 20.22 14.68 26.94
CA GLY C 99 20.98 15.69 27.64
C GLY C 99 21.76 15.09 28.81
N THR C 100 21.92 15.86 29.87
CA THR C 100 22.77 15.44 30.99
C THR C 100 22.01 14.69 32.06
N ASP C 101 22.73 14.09 33.02
CA ASP C 101 22.06 13.53 34.18
C ASP C 101 22.45 14.29 35.45
N TYR C 102 22.80 15.55 35.31
CA TYR C 102 23.11 16.38 36.46
C TYR C 102 22.84 17.81 36.11
N THR C 103 22.89 18.66 37.12
CA THR C 103 22.86 20.08 36.86
C THR C 103 23.70 20.77 37.91
N ILE C 104 23.86 22.08 37.77
CA ILE C 104 24.67 22.86 38.71
C ILE C 104 23.96 24.19 38.94
N ASP C 105 23.91 24.67 40.18
CA ASP C 105 23.18 25.92 40.45
C ASP C 105 24.09 27.13 40.37
N ASP C 106 23.58 28.31 40.73
CA ASP C 106 24.38 29.57 40.72
C ASP C 106 25.63 29.58 41.58
N GLN C 107 25.56 28.89 42.71
CA GLN C 107 26.69 28.82 43.62
C GLN C 107 27.69 27.77 43.18
N GLY C 108 27.44 27.18 42.02
CA GLY C 108 28.30 26.12 41.52
C GLY C 108 28.18 24.78 42.23
N ILE C 109 27.04 24.50 42.86
CA ILE C 109 26.85 23.17 43.47
C ILE C 109 26.24 22.23 42.43
N ARG C 110 26.79 21.02 42.37
CA ARG C 110 26.39 20.02 41.39
C ARG C 110 25.32 19.12 42.01
N TYR C 111 24.26 18.86 41.25
CA TYR C 111 23.17 17.99 41.68
C TYR C 111 23.15 16.75 40.81
N GLN C 112 23.61 15.63 41.38
CA GLN C 112 23.62 14.38 40.64
C GLN C 112 22.21 13.85 40.43
N GLY C 113 21.83 13.52 39.20
CA GLY C 113 20.52 12.94 38.98
C GLY C 113 19.45 13.90 38.49
N SER C 114 19.72 15.20 38.61
CA SER C 114 18.76 16.21 38.22
C SER C 114 19.11 16.67 36.81
N GLY C 115 19.04 15.74 35.86
CA GLY C 115 19.46 16.02 34.52
C GLY C 115 18.81 17.22 33.85
N THR C 116 19.53 17.80 32.89
CA THR C 116 19.01 18.94 32.16
C THR C 116 19.43 18.85 30.68
N PHE C 117 19.30 19.95 29.94
CA PHE C 117 19.36 19.86 28.47
C PHE C 117 20.47 20.77 27.87
N TRP C 118 21.54 21.02 28.64
CA TRP C 118 22.65 21.91 28.21
C TRP C 118 23.34 21.51 26.89
N TYR C 119 23.60 20.21 26.76
CA TYR C 119 24.30 19.66 25.61
C TYR C 119 23.86 18.19 25.46
N PHE C 120 24.13 17.60 24.31
CA PHE C 120 23.48 16.35 23.99
C PHE C 120 24.53 15.32 23.66
N ASP C 121 24.61 14.26 24.45
CA ASP C 121 25.74 13.34 24.31
C ASP C 121 25.35 12.10 23.53
N VAL C 122 24.05 11.88 23.30
CA VAL C 122 23.61 10.75 22.45
C VAL C 122 22.51 11.23 21.53
N TRP C 123 22.53 10.84 20.27
CA TRP C 123 21.61 11.41 19.28
C TRP C 123 20.92 10.32 18.49
N GLY C 124 19.62 10.49 18.26
CA GLY C 124 18.91 9.61 17.34
C GLY C 124 19.32 9.81 15.89
N ARG C 125 18.90 8.90 15.00
CA ARG C 125 19.30 8.99 13.62
C ARG C 125 18.55 10.09 12.87
N GLY C 126 17.44 10.57 13.43
CA GLY C 126 16.67 11.65 12.83
C GLY C 126 15.49 11.19 11.97
N THR C 127 14.49 12.05 11.80
CA THR C 127 13.38 11.72 10.90
C THR C 127 12.93 12.92 10.08
N LEU C 128 12.61 12.70 8.82
CA LEU C 128 12.30 13.80 7.91
C LEU C 128 10.89 14.30 8.12
N VAL C 129 10.74 15.61 8.29
CA VAL C 129 9.39 16.17 8.31
C VAL C 129 9.31 17.10 7.12
N THR C 130 8.34 16.90 6.24
CA THR C 130 8.12 17.77 5.10
C THR C 130 6.83 18.54 5.31
N VAL C 131 6.86 19.85 5.16
CA VAL C 131 5.65 20.66 5.33
C VAL C 131 5.40 21.37 3.99
N SER C 132 4.33 21.00 3.30
CA SER C 132 4.17 21.53 1.94
C SER C 132 2.77 21.25 1.46
N SER C 133 2.28 22.07 0.55
CA SER C 133 0.94 21.85 0.02
C SER C 133 0.94 21.04 -1.29
N ALA C 134 2.13 20.59 -1.71
CA ALA C 134 2.28 19.80 -2.94
C ALA C 134 1.70 18.39 -2.78
N SER C 135 1.14 17.84 -3.85
CA SER C 135 0.51 16.53 -3.77
C SER C 135 1.52 15.43 -4.02
N THR C 136 1.37 14.29 -3.37
CA THR C 136 2.36 13.22 -3.53
C THR C 136 2.34 12.70 -4.96
N LYS C 137 3.53 12.55 -5.56
CA LYS C 137 3.67 12.20 -6.97
C LYS C 137 5.02 11.50 -7.29
N GLY C 138 4.94 10.48 -8.13
CA GLY C 138 6.12 9.75 -8.55
C GLY C 138 6.89 10.50 -9.63
N PRO C 139 8.15 10.18 -9.78
CA PRO C 139 8.96 10.92 -10.74
C PRO C 139 8.69 10.59 -12.21
N SER C 140 8.83 11.55 -13.11
CA SER C 140 9.08 11.22 -14.52
C SER C 140 10.58 10.95 -14.67
N VAL C 141 10.94 9.92 -15.43
CA VAL C 141 12.35 9.55 -15.55
C VAL C 141 12.81 9.61 -17.00
N PHE C 142 13.78 10.48 -17.29
CA PHE C 142 14.25 10.68 -18.67
C PHE C 142 15.70 10.29 -18.87
N PRO C 143 16.04 9.78 -20.06
CA PRO C 143 17.43 9.39 -20.31
C PRO C 143 18.36 10.58 -20.50
N LEU C 144 19.59 10.48 -20.04
CA LEU C 144 20.64 11.42 -20.43
C LEU C 144 21.57 10.60 -21.24
N ALA C 145 21.42 10.68 -22.56
CA ALA C 145 22.13 9.82 -23.49
C ALA C 145 23.62 10.17 -23.62
N PRO C 146 24.47 9.15 -23.80
CA PRO C 146 25.88 9.44 -24.10
C PRO C 146 26.04 10.16 -25.45
N SER C 147 26.83 11.24 -25.48
CA SER C 147 27.02 12.06 -26.66
C SER C 147 27.93 11.37 -27.68
N GLY C 153 38.47 11.06 -22.01
CA GLY C 153 39.44 10.23 -22.70
C GLY C 153 39.00 8.77 -22.84
N GLY C 154 38.36 8.46 -23.96
CA GLY C 154 37.75 7.15 -24.16
C GLY C 154 36.61 6.86 -23.18
N THR C 155 36.14 7.91 -22.50
CA THR C 155 35.16 7.74 -21.43
C THR C 155 33.86 8.45 -21.78
N ALA C 156 32.72 7.81 -21.44
CA ALA C 156 31.41 8.36 -21.76
C ALA C 156 30.57 8.52 -20.50
N ALA C 157 29.75 9.55 -20.45
CA ALA C 157 28.87 9.74 -19.31
C ALA C 157 27.43 9.52 -19.80
N LEU C 158 26.62 8.88 -18.97
CA LEU C 158 25.20 8.79 -19.26
C LEU C 158 24.46 8.84 -17.97
N GLY C 159 23.15 9.00 -18.06
CA GLY C 159 22.35 8.88 -16.85
C GLY C 159 20.85 8.99 -17.01
N CYS C 160 20.18 9.33 -15.91
CA CYS C 160 18.73 9.49 -15.87
C CYS C 160 18.39 10.75 -15.12
N LEU C 161 17.51 11.54 -15.70
CA LEU C 161 16.91 12.70 -15.03
C LEU C 161 15.61 12.23 -14.33
N VAL C 162 15.56 12.38 -13.01
CA VAL C 162 14.43 11.93 -12.19
C VAL C 162 13.72 13.22 -11.75
N LYS C 163 12.69 13.58 -12.49
CA LYS C 163 12.10 14.92 -12.40
C LYS C 163 10.68 14.94 -11.80
N ASP C 164 10.39 15.96 -11.01
CA ASP C 164 9.01 16.28 -10.61
C ASP C 164 8.35 15.23 -9.73
N TYR C 165 9.05 14.77 -8.71
CA TYR C 165 8.42 13.89 -7.71
C TYR C 165 8.27 14.61 -6.37
N PHE C 166 7.45 14.03 -5.49
CA PHE C 166 7.23 14.63 -4.20
C PHE C 166 6.51 13.61 -3.36
N PRO C 167 6.87 13.52 -2.07
CA PRO C 167 7.94 14.29 -1.43
C PRO C 167 9.21 13.51 -1.52
N GLU C 168 10.29 13.97 -0.89
CA GLU C 168 11.50 13.16 -0.82
C GLU C 168 11.19 11.91 0.00
N PRO C 169 12.00 10.85 -0.16
CA PRO C 169 13.16 10.75 -1.05
C PRO C 169 12.92 9.75 -2.20
N VAL C 170 13.76 9.73 -3.21
CA VAL C 170 13.81 8.61 -4.16
C VAL C 170 15.11 7.86 -3.96
N THR C 171 15.14 6.62 -4.45
CA THR C 171 16.41 5.89 -4.55
C THR C 171 16.70 5.53 -6.01
N VAL C 172 17.98 5.55 -6.35
CA VAL C 172 18.41 5.21 -7.69
C VAL C 172 19.54 4.20 -7.66
N SER C 173 19.38 3.14 -8.46
CA SER C 173 20.45 2.18 -8.68
C SER C 173 20.58 1.93 -10.19
N TRP C 174 21.62 1.21 -10.57
CA TRP C 174 21.94 1.01 -12.00
C TRP C 174 22.08 -0.49 -12.22
N ASN C 175 21.48 -0.99 -13.30
CA ASN C 175 21.47 -2.43 -13.59
C ASN C 175 21.25 -3.26 -12.33
N SER C 176 20.28 -2.83 -11.51
CA SER C 176 19.87 -3.57 -10.31
C SER C 176 21.04 -3.81 -9.37
N GLY C 177 21.92 -2.83 -9.23
CA GLY C 177 22.99 -2.91 -8.26
C GLY C 177 24.25 -3.57 -8.80
N ALA C 178 24.24 -3.93 -10.07
CA ALA C 178 25.38 -4.58 -10.71
C ALA C 178 26.44 -3.55 -11.08
N LEU C 179 26.01 -2.30 -11.15
CA LEU C 179 26.85 -1.18 -11.53
C LEU C 179 26.85 -0.13 -10.42
N THR C 180 27.99 0.04 -9.77
CA THR C 180 28.14 0.98 -8.68
C THR C 180 29.30 1.94 -8.92
N SER C 181 30.37 1.45 -9.54
CA SER C 181 31.58 2.26 -9.70
C SER C 181 31.30 3.47 -10.60
N GLY C 182 31.68 4.65 -10.13
CA GLY C 182 31.56 5.84 -10.93
C GLY C 182 30.12 6.31 -11.09
N VAL C 183 29.24 5.77 -10.27
CA VAL C 183 27.86 6.26 -10.25
C VAL C 183 27.79 7.47 -9.32
N HIS C 184 27.14 8.54 -9.76
CA HIS C 184 26.90 9.68 -8.87
C HIS C 184 25.45 10.07 -8.91
N THR C 185 24.82 10.08 -7.74
CA THR C 185 23.42 10.46 -7.66
C THR C 185 23.32 11.76 -6.88
N PHE C 186 22.93 12.83 -7.56
CA PHE C 186 23.01 14.14 -6.91
C PHE C 186 21.92 14.35 -5.89
N PRO C 187 22.18 15.20 -4.88
CA PRO C 187 21.06 15.53 -3.98
C PRO C 187 19.93 16.18 -4.76
N ALA C 188 18.70 16.03 -4.29
CA ALA C 188 17.54 16.62 -4.95
C ALA C 188 17.53 18.14 -4.81
N VAL C 189 16.97 18.82 -5.79
CA VAL C 189 16.67 20.24 -5.65
C VAL C 189 15.17 20.51 -5.65
N LEU C 190 14.76 21.41 -4.78
CA LEU C 190 13.35 21.79 -4.68
C LEU C 190 13.10 22.82 -5.77
N GLN C 191 12.21 22.52 -6.70
CA GLN C 191 11.92 23.46 -7.79
C GLN C 191 10.83 24.42 -7.33
N SER C 192 10.65 25.53 -8.05
CA SER C 192 9.61 26.49 -7.67
C SER C 192 8.20 25.91 -7.81
N SER C 193 8.06 24.80 -8.52
CA SER C 193 6.77 24.13 -8.61
C SER C 193 6.38 23.44 -7.30
N GLY C 194 7.35 23.26 -6.41
CA GLY C 194 7.14 22.57 -5.15
C GLY C 194 7.58 21.11 -5.25
N LEU C 195 7.88 20.66 -6.46
CA LEU C 195 8.36 19.29 -6.70
C LEU C 195 9.88 19.19 -6.69
N TYR C 196 10.41 18.00 -6.41
CA TYR C 196 11.85 17.79 -6.40
C TYR C 196 12.37 17.26 -7.73
N SER C 197 13.65 17.53 -8.00
CA SER C 197 14.32 16.91 -9.14
C SER C 197 15.78 16.57 -8.83
N LEU C 198 16.29 15.51 -9.46
CA LEU C 198 17.72 15.21 -9.38
C LEU C 198 18.15 14.39 -10.58
N SER C 199 19.45 14.32 -10.84
CA SER C 199 19.98 13.41 -11.84
C SER C 199 20.90 12.39 -11.18
N SER C 200 20.97 11.22 -11.82
CA SER C 200 21.95 10.21 -11.45
C SER C 200 22.76 9.91 -12.71
N VAL C 201 24.08 9.91 -12.58
CA VAL C 201 24.92 9.74 -13.74
C VAL C 201 25.94 8.66 -13.45
N VAL C 202 26.53 8.13 -14.52
CA VAL C 202 27.64 7.17 -14.39
C VAL C 202 28.59 7.39 -15.57
N THR C 203 29.88 7.17 -15.35
CA THR C 203 30.82 7.25 -16.45
C THR C 203 31.33 5.84 -16.80
N VAL C 204 31.50 5.57 -18.08
CA VAL C 204 31.89 4.25 -18.55
C VAL C 204 32.92 4.37 -19.68
N PRO C 205 33.69 3.30 -19.95
CA PRO C 205 34.49 3.40 -21.17
C PRO C 205 33.55 3.47 -22.39
N SER C 206 33.87 4.37 -23.32
CA SER C 206 33.09 4.49 -24.55
C SER C 206 32.90 3.17 -25.25
N SER C 207 33.92 2.31 -25.18
CA SER C 207 33.89 1.03 -25.87
C SER C 207 32.74 0.16 -25.38
N SER C 208 32.34 0.35 -24.12
CA SER C 208 31.34 -0.51 -23.51
C SER C 208 29.92 -0.21 -23.96
N LEU C 209 29.74 0.88 -24.71
CA LEU C 209 28.41 1.35 -25.05
C LEU C 209 27.63 0.45 -26.02
N GLY C 210 28.30 -0.52 -26.63
CA GLY C 210 27.62 -1.39 -27.57
C GLY C 210 27.46 -2.80 -27.07
N THR C 211 28.07 -3.09 -25.93
CA THR C 211 28.10 -4.44 -25.38
C THR C 211 27.24 -4.54 -24.11
N GLN C 212 27.12 -3.43 -23.40
CA GLN C 212 26.47 -3.41 -22.10
C GLN C 212 25.19 -2.59 -22.14
N THR C 213 24.16 -3.10 -21.51
CA THR C 213 22.92 -2.35 -21.38
C THR C 213 22.98 -1.55 -20.08
N TYR C 214 22.37 -0.38 -20.08
CA TYR C 214 22.38 0.49 -18.92
C TYR C 214 20.96 0.88 -18.54
N ILE C 215 20.51 0.40 -17.38
CA ILE C 215 19.14 0.68 -16.91
C ILE C 215 19.22 1.33 -15.54
N CYS C 216 18.57 2.48 -15.36
CA CYS C 216 18.49 3.07 -14.03
C CYS C 216 17.18 2.66 -13.38
N ASN C 217 17.28 2.18 -12.13
CA ASN C 217 16.12 1.72 -11.40
C ASN C 217 15.75 2.76 -10.36
N VAL C 218 14.67 3.47 -10.63
CA VAL C 218 14.22 4.56 -9.78
C VAL C 218 13.02 4.12 -8.91
N ASN C 219 13.18 4.23 -7.60
CA ASN C 219 12.14 3.90 -6.63
C ASN C 219 11.71 5.11 -5.81
N HIS C 220 10.40 5.31 -5.71
CA HIS C 220 9.84 6.39 -4.91
C HIS C 220 8.75 5.79 -3.99
N LYS C 221 9.16 5.40 -2.79
CA LYS C 221 8.30 4.75 -1.82
C LYS C 221 6.99 5.51 -1.54
N PRO C 222 7.07 6.84 -1.32
CA PRO C 222 5.89 7.63 -0.94
C PRO C 222 4.70 7.52 -1.91
N SER C 223 4.97 7.35 -3.21
CA SER C 223 3.92 7.19 -4.21
C SER C 223 3.85 5.75 -4.65
N ASN C 224 4.65 4.90 -4.02
CA ASN C 224 4.64 3.48 -4.33
C ASN C 224 5.03 3.20 -5.78
N THR C 225 5.75 4.15 -6.39
CA THR C 225 6.14 4.07 -7.79
C THR C 225 7.48 3.38 -7.95
N LYS C 226 7.60 2.54 -8.97
CA LYS C 226 8.90 2.03 -9.38
C LYS C 226 9.01 2.17 -10.90
N VAL C 227 10.20 2.59 -11.35
CA VAL C 227 10.45 2.79 -12.78
C VAL C 227 11.84 2.26 -13.14
N ASP C 228 11.91 1.51 -14.23
CA ASP C 228 13.19 1.10 -14.77
C ASP C 228 13.34 1.78 -16.13
N LYS C 229 14.44 2.48 -16.36
CA LYS C 229 14.59 3.22 -17.60
C LYS C 229 15.88 2.86 -18.30
N LYS C 230 15.77 2.33 -19.52
CA LYS C 230 16.93 1.94 -20.29
C LYS C 230 17.47 3.18 -20.92
N VAL C 231 18.79 3.36 -20.82
CA VAL C 231 19.45 4.50 -21.41
C VAL C 231 20.36 4.01 -22.54
N GLU C 232 20.07 4.43 -23.77
CA GLU C 232 20.82 3.92 -24.92
C GLU C 232 21.50 5.01 -25.76
N PRO C 233 22.60 4.65 -26.44
CA PRO C 233 23.16 5.57 -27.43
C PRO C 233 22.09 6.18 -28.33
N GLU D 1 19.52 37.38 22.51
CA GLU D 1 19.87 36.03 21.98
C GLU D 1 21.32 35.99 21.52
N ILE D 2 22.01 34.90 21.86
CA ILE D 2 23.40 34.79 21.55
C ILE D 2 23.63 34.18 20.17
N VAL D 3 24.36 34.92 19.33
CA VAL D 3 24.65 34.47 17.98
C VAL D 3 26.09 33.99 17.94
N LEU D 4 26.30 32.76 17.47
CA LEU D 4 27.64 32.21 17.30
C LEU D 4 28.05 32.22 15.82
N THR D 5 29.25 32.75 15.52
CA THR D 5 29.74 32.82 14.17
C THR D 5 31.04 32.08 14.10
N GLN D 6 31.04 30.98 13.36
CA GLN D 6 32.23 30.16 13.22
C GLN D 6 33.12 30.67 12.10
N SER D 7 34.43 30.47 12.24
CA SER D 7 35.33 30.71 11.10
C SER D 7 36.51 29.76 11.21
N PRO D 8 37.18 29.48 10.07
CA PRO D 8 36.71 29.87 8.73
C PRO D 8 35.51 29.03 8.32
N ASP D 9 34.92 29.40 7.18
CA ASP D 9 33.81 28.67 6.60
C ASP D 9 34.21 27.23 6.24
N THR D 10 35.36 27.08 5.59
CA THR D 10 35.83 25.74 5.17
C THR D 10 37.32 25.67 5.38
N LEU D 11 37.77 24.54 5.93
CA LEU D 11 39.19 24.27 6.05
C LEU D 11 39.55 23.09 5.14
N SER D 12 40.57 23.24 4.32
CA SER D 12 41.02 22.17 3.41
C SER D 12 42.36 21.65 3.92
N LEU D 13 42.37 20.53 4.63
CA LEU D 13 43.58 20.03 5.27
C LEU D 13 43.84 18.56 4.89
N SER D 14 45.04 18.08 5.13
CA SER D 14 45.38 16.69 4.82
C SER D 14 45.56 15.93 6.10
N PRO D 15 45.42 14.60 6.05
CA PRO D 15 45.65 13.83 7.26
C PRO D 15 47.03 14.11 7.79
N GLY D 16 47.16 14.15 9.12
CA GLY D 16 48.45 14.42 9.70
C GLY D 16 48.55 15.87 10.13
N GLU D 17 47.71 16.73 9.53
CA GLU D 17 47.83 18.17 9.78
C GLU D 17 46.98 18.59 10.98
N ARG D 18 47.09 19.84 11.40
CA ARG D 18 46.29 20.32 12.52
C ARG D 18 45.19 21.26 12.08
N ALA D 19 43.98 21.11 12.64
CA ALA D 19 42.84 21.94 12.28
C ALA D 19 42.52 22.80 13.50
N THR D 20 42.32 24.10 13.31
CA THR D 20 41.89 24.99 14.38
C THR D 20 40.61 25.72 13.99
N LEU D 21 39.55 25.49 14.76
CA LEU D 21 38.25 26.08 14.45
CA LEU D 21 38.24 26.07 14.44
C LEU D 21 37.92 27.18 15.44
N SER D 22 37.33 28.25 14.97
CA SER D 22 37.06 29.34 15.88
C SER D 22 35.56 29.61 15.91
N CYS D 23 35.14 30.12 17.05
CA CYS D 23 33.71 30.40 17.26
C CYS D 23 33.64 31.72 18.04
N ARG D 24 33.04 32.74 17.42
CA ARG D 24 32.88 34.06 18.02
C ARG D 24 31.42 34.27 18.51
N ALA D 25 31.25 34.68 19.77
CA ALA D 25 29.93 34.86 20.36
C ALA D 25 29.59 36.36 20.36
N SER D 26 28.30 36.71 20.19
CA SER D 26 27.90 38.12 20.05
C SER D 26 27.83 38.82 21.40
N GLN D 27 27.99 38.02 22.44
CA GLN D 27 28.00 38.49 23.84
C GLN D 27 28.97 37.58 24.57
N SER D 28 29.60 38.04 25.63
CA SER D 28 30.50 37.16 26.36
CA SER D 28 30.49 37.17 26.39
C SER D 28 29.76 35.97 26.96
N VAL D 29 30.37 34.78 26.93
CA VAL D 29 29.80 33.55 27.47
C VAL D 29 30.81 32.99 28.48
N HIS D 30 30.36 32.48 29.62
CA HIS D 30 31.28 31.85 30.56
C HIS D 30 31.99 30.65 29.94
N SER D 31 33.28 30.51 30.22
CA SER D 31 34.12 29.47 29.61
C SER D 31 33.57 28.03 29.72
N ARG D 32 32.87 27.68 30.81
CA ARG D 32 32.42 26.30 30.98
C ARG D 32 31.04 26.01 30.34
N TYR D 33 30.50 26.96 29.55
CA TYR D 33 29.17 26.76 28.99
C TYR D 33 29.20 26.65 27.48
N PHE D 34 30.03 25.73 27.01
CA PHE D 34 30.21 25.62 25.58
C PHE D 34 30.40 24.13 25.24
N ALA D 35 29.93 23.74 24.07
CA ALA D 35 30.09 22.36 23.60
C ALA D 35 30.49 22.37 22.12
N TRP D 36 31.00 21.24 21.64
CA TRP D 36 31.32 21.15 20.23
C TRP D 36 30.86 19.79 19.73
N TYR D 37 30.38 19.79 18.49
CA TYR D 37 29.91 18.57 17.86
C TYR D 37 30.54 18.39 16.48
N GLN D 38 30.53 17.13 16.04
CA GLN D 38 31.02 16.73 14.73
C GLN D 38 29.82 16.14 13.97
N HIS D 39 29.70 16.41 12.67
CA HIS D 39 28.60 15.84 11.93
C HIS D 39 29.02 15.35 10.56
N LYS D 40 28.93 14.05 10.33
CA LYS D 40 29.20 13.49 8.99
C LYS D 40 27.89 13.21 8.26
N PRO D 41 27.93 13.31 6.92
CA PRO D 41 26.73 13.06 6.12
C PRO D 41 26.12 11.72 6.47
N GLY D 42 24.79 11.67 6.74
CA GLY D 42 24.05 10.42 6.90
C GLY D 42 24.07 9.80 8.30
N GLN D 43 24.81 10.43 9.20
CA GLN D 43 25.02 9.90 10.53
C GLN D 43 24.57 10.95 11.53
N PRO D 44 24.22 10.55 12.75
CA PRO D 44 23.81 11.59 13.68
C PRO D 44 24.98 12.37 14.21
N PRO D 45 24.74 13.64 14.56
CA PRO D 45 25.81 14.40 15.18
C PRO D 45 26.44 13.67 16.38
N ARG D 46 27.68 14.06 16.68
CA ARG D 46 28.47 13.43 17.74
C ARG D 46 29.07 14.49 18.67
N LEU D 47 28.83 14.36 19.97
CA LEU D 47 29.41 15.29 20.95
C LEU D 47 30.94 15.09 21.06
N LEU D 48 31.70 16.17 20.91
CA LEU D 48 33.14 16.14 21.10
C LEU D 48 33.58 16.72 22.44
N ILE D 49 33.07 17.91 22.77
CA ILE D 49 33.57 18.65 23.93
C ILE D 49 32.37 19.20 24.66
N TYR D 50 32.39 19.15 25.99
CA TYR D 50 31.43 19.92 26.79
C TYR D 50 32.15 20.70 27.89
N GLY D 51 31.45 21.60 28.58
CA GLY D 51 32.03 22.33 29.70
C GLY D 51 33.24 23.13 29.26
N GLY D 52 33.19 23.60 28.02
CA GLY D 52 34.26 24.37 27.40
C GLY D 52 35.48 23.57 26.88
N SER D 53 36.01 22.67 27.72
CA SER D 53 37.28 22.00 27.38
C SER D 53 37.35 20.50 27.77
N THR D 54 36.24 19.93 28.21
CA THR D 54 36.20 18.53 28.64
C THR D 54 35.82 17.61 27.50
N ARG D 55 36.67 16.62 27.23
CA ARG D 55 36.40 15.67 26.16
C ARG D 55 35.25 14.71 26.50
N ALA D 56 34.35 14.57 25.56
CA ALA D 56 33.23 13.65 25.72
C ALA D 56 33.78 12.21 25.69
N THR D 57 32.92 11.25 26.02
CA THR D 57 33.36 9.84 26.08
C THR D 57 33.74 9.31 24.69
N GLY D 58 34.82 8.54 24.64
CA GLY D 58 35.35 8.02 23.38
C GLY D 58 36.15 9.01 22.55
N ILE D 59 36.28 10.25 23.02
CA ILE D 59 36.99 11.27 22.26
C ILE D 59 38.47 11.28 22.57
N PRO D 60 39.27 11.22 21.51
CA PRO D 60 40.72 11.21 21.61
C PRO D 60 41.34 12.50 22.15
N ASN D 61 42.52 12.33 22.73
CA ASN D 61 43.30 13.40 23.33
C ASN D 61 43.68 14.47 22.30
N ARG D 62 43.91 14.07 21.06
CA ARG D 62 44.30 15.03 20.01
C ARG D 62 43.21 16.09 19.72
N PHE D 63 42.00 15.88 20.25
CA PHE D 63 40.97 16.94 20.25
C PHE D 63 41.10 17.76 21.55
N SER D 64 41.17 19.08 21.45
CA SER D 64 41.12 19.90 22.65
C SER D 64 40.32 21.15 22.33
N ALA D 65 39.90 21.88 23.35
CA ALA D 65 39.09 23.07 23.11
C ALA D 65 39.25 24.00 24.27
N GLY D 66 38.92 25.27 24.03
CA GLY D 66 38.98 26.22 25.13
C GLY D 66 38.36 27.54 24.72
N GLY D 67 38.59 28.55 25.52
CA GLY D 67 38.13 29.88 25.15
C GLY D 67 37.45 30.56 26.30
N SER D 68 37.12 31.83 26.09
CA SER D 68 36.34 32.60 27.05
C SER D 68 36.10 33.99 26.48
N GLY D 69 35.29 34.77 27.18
CA GLY D 69 34.83 36.03 26.66
C GLY D 69 34.03 35.70 25.42
N THR D 70 34.49 36.16 24.27
CA THR D 70 33.70 36.07 23.06
C THR D 70 34.39 35.20 22.01
N GLN D 71 35.46 34.46 22.34
CA GLN D 71 36.02 33.53 21.34
C GLN D 71 36.33 32.18 21.96
N PHE D 72 35.89 31.14 21.26
CA PHE D 72 36.10 29.75 21.69
C PHE D 72 36.71 28.99 20.55
N THR D 73 37.58 28.04 20.87
CA THR D 73 38.23 27.30 19.80
C THR D 73 38.26 25.81 20.07
N LEU D 74 38.34 25.05 18.97
CA LEU D 74 38.55 23.61 19.00
C LEU D 74 39.75 23.32 18.10
N THR D 75 40.68 22.54 18.59
CA THR D 75 41.82 22.13 17.79
CA THR D 75 41.78 22.13 17.75
C THR D 75 41.81 20.62 17.65
N VAL D 76 41.95 20.12 16.44
CA VAL D 76 42.15 18.70 16.21
C VAL D 76 43.60 18.58 15.74
N ASN D 77 44.44 17.95 16.53
CA ASN D 77 45.79 17.73 16.16
C ASN D 77 45.84 16.41 15.36
N ARG D 78 46.84 16.27 14.51
CA ARG D 78 47.06 15.02 13.80
C ARG D 78 45.77 14.46 13.17
N LEU D 79 45.16 15.22 12.28
CA LEU D 79 43.95 14.76 11.60
C LEU D 79 44.08 13.34 11.03
N GLU D 80 43.04 12.54 11.21
CA GLU D 80 42.91 11.25 10.55
C GLU D 80 41.80 11.40 9.50
N ALA D 81 41.75 10.46 8.55
CA ALA D 81 40.74 10.52 7.50
C ALA D 81 39.33 10.53 8.07
N GLU D 82 39.14 9.90 9.22
CA GLU D 82 37.82 9.83 9.83
C GLU D 82 37.43 11.17 10.54
N ASP D 83 38.29 12.17 10.56
CA ASP D 83 37.92 13.43 11.25
C ASP D 83 37.29 14.46 10.30
N PHE D 84 37.21 14.17 9.01
CA PHE D 84 36.77 15.20 8.07
C PHE D 84 35.26 15.18 8.07
N ALA D 85 34.67 16.34 8.41
CA ALA D 85 33.26 16.44 8.75
C ALA D 85 32.90 17.91 8.92
N VAL D 86 31.64 18.18 9.28
CA VAL D 86 31.28 19.56 9.62
C VAL D 86 31.27 19.68 11.13
N TYR D 87 31.77 20.78 11.67
CA TYR D 87 31.89 20.92 13.12
C TYR D 87 31.05 22.11 13.56
N TYR D 88 30.34 21.96 14.68
CA TYR D 88 29.49 23.04 15.17
C TYR D 88 29.93 23.41 16.57
N CYS D 89 29.91 24.69 16.90
CA CYS D 89 29.96 25.04 18.33
C CYS D 89 28.52 25.23 18.83
N GLN D 90 28.40 25.25 20.15
CA GLN D 90 27.10 25.43 20.80
C GLN D 90 27.29 26.08 22.18
N GLN D 91 26.55 27.15 22.46
CA GLN D 91 26.62 27.78 23.79
C GLN D 91 25.36 27.42 24.63
N TYR D 92 25.52 27.17 25.93
CA TYR D 92 24.40 26.93 26.81
C TYR D 92 24.53 27.83 28.01
N GLY D 93 25.18 28.98 27.80
CA GLY D 93 25.25 29.98 28.84
C GLY D 93 23.97 30.79 28.96
N ARG D 94 23.17 30.84 27.89
CA ARG D 94 21.97 31.67 27.92
C ARG D 94 20.92 31.16 26.94
N SER D 95 19.72 30.89 27.45
CA SER D 95 18.61 30.51 26.57
C SER D 95 18.18 31.64 25.63
N PRO D 96 17.80 31.28 24.39
CA PRO D 96 17.82 29.93 23.83
C PRO D 96 19.20 29.45 23.48
N TYR D 97 19.48 28.18 23.69
CA TYR D 97 20.79 27.70 23.37
C TYR D 97 20.86 27.79 21.85
N THR D 98 22.07 28.00 21.32
CA THR D 98 22.23 28.23 19.89
C THR D 98 23.49 27.54 19.40
N PHE D 99 23.49 27.16 18.12
CA PHE D 99 24.61 26.53 17.46
C PHE D 99 25.27 27.57 16.54
N GLY D 100 26.58 27.42 16.33
CA GLY D 100 27.27 28.13 15.25
C GLY D 100 26.78 27.60 13.90
N GLN D 101 27.17 28.27 12.81
CA GLN D 101 26.61 27.88 11.50
C GLN D 101 27.39 26.69 10.90
N GLY D 102 28.44 26.27 11.60
CA GLY D 102 29.30 25.17 11.17
C GLY D 102 30.54 25.57 10.34
N THR D 103 31.64 24.86 10.57
CA THR D 103 32.82 24.85 9.69
C THR D 103 33.01 23.47 9.05
N LYS D 104 33.01 23.41 7.73
CA LYS D 104 33.37 22.17 7.02
C LYS D 104 34.89 21.95 7.01
N VAL D 105 35.34 20.83 7.55
CA VAL D 105 36.75 20.47 7.42
C VAL D 105 36.79 19.36 6.35
N GLU D 106 37.39 19.66 5.20
CA GLU D 106 37.40 18.72 4.08
C GLU D 106 38.84 18.36 3.70
N ILE D 107 38.96 17.28 2.95
CA ILE D 107 40.26 16.75 2.63
C ILE D 107 40.89 17.47 1.49
N ARG D 108 42.11 17.95 1.70
CA ARG D 108 42.81 18.59 0.63
C ARG D 108 43.60 17.55 -0.14
N ARG D 109 43.10 17.16 -1.30
CA ARG D 109 43.83 16.21 -2.12
C ARG D 109 44.52 16.96 -3.26
N THR D 110 45.15 16.22 -4.17
CA THR D 110 45.87 16.86 -5.28
C THR D 110 44.82 17.39 -6.27
N VAL D 111 45.21 18.33 -7.09
CA VAL D 111 44.29 18.99 -8.00
C VAL D 111 43.84 17.97 -9.04
N ALA D 112 42.54 17.97 -9.34
CA ALA D 112 41.96 17.16 -10.40
C ALA D 112 40.92 17.94 -11.22
N ALA D 113 41.27 18.23 -12.47
CA ALA D 113 40.32 18.82 -13.41
C ALA D 113 39.05 17.97 -13.55
N PRO D 114 37.88 18.62 -13.72
CA PRO D 114 36.66 17.84 -14.00
C PRO D 114 36.63 17.29 -15.41
N SER D 115 36.07 16.10 -15.65
CA SER D 115 35.67 15.75 -17.00
CA SER D 115 35.66 15.74 -17.01
C SER D 115 34.29 16.38 -17.18
N VAL D 116 34.07 17.06 -18.30
CA VAL D 116 32.85 17.87 -18.46
C VAL D 116 32.02 17.33 -19.60
N PHE D 117 30.72 17.16 -19.35
CA PHE D 117 29.81 16.57 -20.35
C PHE D 117 28.54 17.44 -20.39
N ILE D 118 27.94 17.61 -21.57
CA ILE D 118 26.64 18.29 -21.63
C ILE D 118 25.55 17.41 -22.27
N PHE D 119 24.33 17.49 -21.76
CA PHE D 119 23.23 16.62 -22.22
C PHE D 119 22.07 17.46 -22.68
N PRO D 120 21.65 17.27 -23.93
CA PRO D 120 20.42 17.98 -24.32
C PRO D 120 19.22 17.38 -23.63
N PRO D 121 18.10 18.09 -23.65
CA PRO D 121 16.87 17.42 -23.18
C PRO D 121 16.54 16.27 -24.11
N SER D 122 16.00 15.21 -23.52
CA SER D 122 15.68 14.01 -24.27
C SER D 122 14.44 14.28 -25.11
N ASP D 123 14.23 13.48 -26.15
CA ASP D 123 13.03 13.64 -26.95
C ASP D 123 11.78 13.37 -26.07
N GLU D 124 11.86 12.39 -25.17
CA GLU D 124 10.77 12.07 -24.26
C GLU D 124 10.31 13.31 -23.51
N GLN D 125 11.26 13.96 -22.83
CA GLN D 125 10.92 15.12 -22.03
C GLN D 125 10.35 16.22 -22.89
N LEU D 126 11.01 16.52 -24.02
CA LEU D 126 10.49 17.57 -24.89
C LEU D 126 9.01 17.31 -25.19
N LYS D 127 8.69 16.08 -25.54
CA LYS D 127 7.31 15.76 -25.87
C LYS D 127 6.39 16.14 -24.70
N SER D 128 6.93 16.08 -23.48
CA SER D 128 6.10 16.34 -22.31
CA SER D 128 6.20 16.34 -22.25
C SER D 128 5.91 17.83 -22.04
N GLY D 129 6.59 18.69 -22.80
CA GLY D 129 6.43 20.13 -22.63
C GLY D 129 7.60 20.88 -21.99
N THR D 130 8.58 20.17 -21.43
CA THR D 130 9.68 20.86 -20.76
C THR D 130 11.06 20.48 -21.34
N ALA D 131 12.05 21.33 -21.08
CA ALA D 131 13.41 21.12 -21.54
C ALA D 131 14.38 21.33 -20.36
N SER D 132 15.00 20.25 -19.91
CA SER D 132 16.11 20.36 -18.96
C SER D 132 17.44 20.10 -19.68
N VAL D 133 18.37 21.03 -19.55
CA VAL D 133 19.71 20.83 -20.15
C VAL D 133 20.73 20.60 -19.03
N VAL D 134 21.47 19.50 -19.08
CA VAL D 134 22.33 19.20 -17.92
C VAL D 134 23.81 19.33 -18.27
N CYS D 135 24.54 20.04 -17.42
CA CYS D 135 25.99 20.11 -17.55
C CYS D 135 26.63 19.37 -16.35
N LEU D 136 27.44 18.36 -16.63
CA LEU D 136 28.05 17.53 -15.60
C LEU D 136 29.56 17.78 -15.44
N LEU D 137 30.03 18.03 -14.21
CA LEU D 137 31.47 18.10 -13.96
C LEU D 137 31.80 16.88 -13.12
N ASN D 138 32.63 15.97 -13.61
CA ASN D 138 32.82 14.70 -12.90
C ASN D 138 34.18 14.64 -12.17
N ASN D 139 34.16 14.18 -10.93
CA ASN D 139 35.37 13.84 -10.16
C ASN D 139 36.46 14.91 -10.19
N PHE D 140 36.23 16.05 -9.52
CA PHE D 140 37.20 17.13 -9.52
C PHE D 140 37.56 17.58 -8.12
N TYR D 141 38.63 18.35 -8.05
CA TYR D 141 39.16 18.94 -6.82
C TYR D 141 40.11 20.07 -7.20
N PRO D 142 40.01 21.22 -6.53
CA PRO D 142 39.18 21.57 -5.38
C PRO D 142 37.68 21.75 -5.74
N ARG D 143 36.89 22.04 -4.72
CA ARG D 143 35.43 22.25 -4.86
C ARG D 143 35.06 23.42 -5.78
N GLU D 144 35.82 24.50 -5.71
CA GLU D 144 35.44 25.77 -6.37
C GLU D 144 35.42 25.57 -7.87
N ALA D 145 34.33 25.98 -8.50
CA ALA D 145 34.19 25.82 -9.95
C ALA D 145 33.09 26.75 -10.43
N LYS D 146 33.32 27.44 -11.53
CA LYS D 146 32.32 28.37 -12.03
C LYS D 146 31.73 27.68 -13.22
N VAL D 147 30.40 27.62 -13.30
CA VAL D 147 29.75 27.01 -14.46
C VAL D 147 28.78 28.03 -14.98
N GLN D 148 28.92 28.39 -16.25
CA GLN D 148 28.13 29.48 -16.82
C GLN D 148 27.40 28.92 -18.02
N TRP D 149 26.11 29.23 -18.14
CA TRP D 149 25.30 28.84 -19.30
C TRP D 149 25.35 29.94 -20.34
N LYS D 150 25.49 29.55 -21.60
CA LYS D 150 25.38 30.49 -22.70
C LYS D 150 24.41 29.93 -23.73
N VAL D 151 23.45 30.75 -24.12
CA VAL D 151 22.41 30.34 -25.07
C VAL D 151 22.47 31.31 -26.22
N ASP D 152 22.72 30.80 -27.43
CA ASP D 152 23.11 31.64 -28.56
C ASP D 152 24.13 32.71 -28.11
N ASN D 153 25.07 32.27 -27.27
CA ASN D 153 26.11 33.13 -26.68
C ASN D 153 25.66 34.28 -25.75
N ALA D 154 24.41 34.21 -25.30
CA ALA D 154 23.91 35.13 -24.27
C ALA D 154 24.06 34.49 -22.89
N LEU D 155 24.69 35.23 -21.97
CA LEU D 155 24.93 34.73 -20.62
C LEU D 155 23.60 34.60 -19.88
N GLN D 156 23.38 33.42 -19.32
CA GLN D 156 22.16 33.14 -18.59
C GLN D 156 22.38 33.48 -17.14
N SER D 157 21.29 33.90 -16.49
CA SER D 157 21.30 34.17 -15.07
C SER D 157 19.94 33.74 -14.49
N GLY D 158 19.99 32.94 -13.42
CA GLY D 158 18.81 32.70 -12.61
C GLY D 158 17.85 31.63 -13.06
N ASN D 159 18.19 30.90 -14.12
CA ASN D 159 17.29 29.86 -14.62
C ASN D 159 17.97 28.48 -14.56
N SER D 160 19.01 28.38 -13.75
CA SER D 160 19.71 27.10 -13.56
C SER D 160 19.94 26.82 -12.07
N GLN D 161 20.28 25.58 -11.72
CA GLN D 161 20.45 25.23 -10.30
C GLN D 161 21.61 24.26 -10.30
N GLU D 162 22.47 24.33 -9.29
CA GLU D 162 23.60 23.40 -9.19
C GLU D 162 23.37 22.44 -8.03
N SER D 163 23.83 21.21 -8.17
CA SER D 163 23.81 20.24 -7.07
CA SER D 163 23.82 20.26 -7.06
C SER D 163 25.17 19.56 -7.00
N VAL D 164 25.67 19.28 -5.80
CA VAL D 164 27.02 18.73 -5.69
C VAL D 164 27.02 17.55 -4.74
N THR D 165 27.85 16.55 -4.99
CA THR D 165 27.88 15.38 -4.15
C THR D 165 28.78 15.70 -2.95
N GLU D 166 28.70 14.87 -1.91
CA GLU D 166 29.68 14.94 -0.82
C GLU D 166 31.03 14.55 -1.35
N GLN D 167 32.10 14.95 -0.67
CA GLN D 167 33.44 14.60 -1.11
C GLN D 167 33.53 13.07 -1.13
N ASP D 168 34.04 12.51 -2.22
CA ASP D 168 33.94 11.06 -2.47
C ASP D 168 34.75 10.23 -1.46
N SER D 169 34.15 9.17 -0.93
CA SER D 169 34.83 8.44 0.17
C SER D 169 36.14 7.82 -0.29
N LYS D 170 36.21 7.47 -1.57
CA LYS D 170 37.36 6.72 -2.04
C LYS D 170 38.45 7.60 -2.66
N ASP D 171 38.10 8.63 -3.43
CA ASP D 171 39.16 9.46 -4.03
C ASP D 171 39.09 10.96 -3.66
N SER D 172 38.16 11.34 -2.78
CA SER D 172 38.15 12.69 -2.22
C SER D 172 37.80 13.77 -3.26
N THR D 173 37.21 13.36 -4.37
CA THR D 173 36.74 14.36 -5.34
C THR D 173 35.27 14.71 -5.17
N TYR D 174 34.84 15.73 -5.92
CA TYR D 174 33.45 16.17 -5.95
C TYR D 174 32.93 15.94 -7.39
N SER D 175 31.62 15.80 -7.55
CA SER D 175 31.02 15.93 -8.86
C SER D 175 29.88 16.90 -8.71
N LEU D 176 29.47 17.49 -9.84
CA LEU D 176 28.51 18.57 -9.80
C LEU D 176 27.66 18.57 -11.05
N SER D 177 26.36 18.86 -10.90
CA SER D 177 25.46 19.00 -12.03
C SER D 177 24.96 20.45 -12.02
N SER D 178 24.93 21.07 -13.19
CA SER D 178 24.18 22.32 -13.35
C SER D 178 23.09 22.08 -14.38
N THR D 179 21.85 22.43 -14.04
CA THR D 179 20.69 22.07 -14.83
C THR D 179 19.97 23.34 -15.23
N LEU D 180 19.86 23.56 -16.51
CA LEU D 180 19.14 24.72 -17.04
C LEU D 180 17.74 24.27 -17.42
N THR D 181 16.70 24.85 -16.81
CA THR D 181 15.35 24.42 -17.11
C THR D 181 14.61 25.50 -17.87
N LEU D 182 14.06 25.12 -19.03
CA LEU D 182 13.26 26.02 -19.88
C LEU D 182 11.97 25.34 -20.28
N SER D 183 10.97 26.10 -20.74
CA SER D 183 9.80 25.45 -21.30
C SER D 183 10.17 25.04 -22.72
N LYS D 184 9.40 24.13 -23.32
CA LYS D 184 9.77 23.64 -24.66
C LYS D 184 9.74 24.81 -25.63
N ALA D 185 8.63 25.56 -25.61
CA ALA D 185 8.50 26.69 -26.54
C ALA D 185 9.72 27.59 -26.42
N ASP D 186 10.20 27.84 -25.19
CA ASP D 186 11.39 28.69 -25.03
C ASP D 186 12.68 28.04 -25.52
N TYR D 187 12.88 26.77 -25.15
CA TYR D 187 14.03 26.04 -25.64
C TYR D 187 14.08 26.09 -27.16
N GLU D 188 12.92 25.90 -27.78
CA GLU D 188 12.84 25.87 -29.24
C GLU D 188 13.08 27.24 -29.89
N LYS D 189 13.30 28.28 -29.08
CA LYS D 189 13.57 29.60 -29.61
C LYS D 189 15.04 29.82 -30.00
N HIS D 190 15.92 28.93 -29.52
CA HIS D 190 17.37 29.17 -29.63
C HIS D 190 18.12 28.03 -30.33
N LYS D 191 19.33 28.33 -30.82
CA LYS D 191 20.07 27.38 -31.67
C LYS D 191 21.21 26.69 -30.95
N VAL D 192 21.92 27.43 -30.09
CA VAL D 192 23.15 26.91 -29.48
C VAL D 192 23.10 27.00 -27.96
N TYR D 193 23.49 25.92 -27.30
CA TYR D 193 23.44 25.84 -25.85
C TYR D 193 24.81 25.41 -25.43
N ALA D 194 25.42 26.16 -24.51
CA ALA D 194 26.78 25.87 -24.11
C ALA D 194 26.94 25.98 -22.60
N CYS D 195 27.75 25.08 -22.04
CA CYS D 195 28.15 25.08 -20.64
C CYS D 195 29.64 25.47 -20.61
N GLU D 196 30.01 26.53 -19.89
CA GLU D 196 31.40 26.92 -19.81
C GLU D 196 31.95 26.73 -18.40
N VAL D 197 33.06 26.02 -18.26
CA VAL D 197 33.53 25.61 -16.92
C VAL D 197 34.92 26.17 -16.64
N THR D 198 35.09 26.84 -15.51
CA THR D 198 36.37 27.41 -15.10
C THR D 198 36.79 26.65 -13.84
N HIS D 199 38.01 26.13 -13.81
CA HIS D 199 38.48 25.30 -12.69
C HIS D 199 40.02 25.29 -12.59
N GLN D 200 40.51 25.19 -11.35
CA GLN D 200 41.95 25.29 -11.16
C GLN D 200 42.70 24.27 -12.01
N GLY D 201 42.13 23.09 -12.17
CA GLY D 201 42.82 22.02 -12.91
C GLY D 201 42.79 22.17 -14.43
N LEU D 202 42.02 23.15 -14.93
CA LEU D 202 42.00 23.46 -16.37
C LEU D 202 42.93 24.63 -16.72
N SER D 203 43.76 24.48 -17.77
CA SER D 203 44.64 25.57 -18.18
C SER D 203 43.85 26.79 -18.63
N SER D 204 42.65 26.56 -19.15
CA SER D 204 41.74 27.66 -19.49
C SER D 204 40.32 27.11 -19.52
N PRO D 205 39.31 27.98 -19.53
CA PRO D 205 37.94 27.45 -19.40
C PRO D 205 37.52 26.52 -20.54
N VAL D 206 36.83 25.45 -20.19
CA VAL D 206 36.34 24.50 -21.17
C VAL D 206 34.87 24.74 -21.51
N THR D 207 34.53 24.72 -22.79
CA THR D 207 33.15 24.86 -23.18
C THR D 207 32.63 23.59 -23.85
N LYS D 208 31.51 23.04 -23.36
CA LYS D 208 30.83 21.96 -24.09
C LYS D 208 29.51 22.51 -24.61
N SER D 209 29.18 22.21 -25.86
CA SER D 209 28.01 22.82 -26.45
C SER D 209 27.38 21.87 -27.46
N PHE D 210 26.12 22.16 -27.80
CA PHE D 210 25.43 21.40 -28.84
C PHE D 210 24.48 22.34 -29.54
N ASN D 211 24.04 21.95 -30.73
CA ASN D 211 23.06 22.70 -31.47
C ASN D 211 21.71 22.03 -31.26
N ARG D 212 20.65 22.82 -31.18
CA ARG D 212 19.35 22.25 -30.96
C ARG D 212 19.13 21.20 -32.04
N GLY D 213 18.53 20.08 -31.63
CA GLY D 213 18.35 18.94 -32.53
C GLY D 213 19.28 17.77 -32.19
N GLU D 214 20.47 18.07 -31.66
CA GLU D 214 21.44 17.03 -31.23
C GLU D 214 20.93 16.12 -30.10
#